data_5DE9
#
_entry.id   5DE9
#
_cell.length_a   59.609
_cell.length_b   79.313
_cell.length_c   87.658
_cell.angle_alpha   90.00
_cell.angle_beta   94.08
_cell.angle_gamma   90.00
#
_symmetry.space_group_name_H-M   'P 1 21 1'
#
loop_
_entity.id
_entity.type
_entity.pdbx_description
1 polymer 'Biflaviolin synthase CYP158A2'
2 non-polymer 'PROTOPORPHYRIN IX CONTAINING FE'
3 non-polymer SPERMINE
4 water water
#
_entity_poly.entity_id   1
_entity_poly.type   'polypeptide(L)'
_entity_poly.pdbx_seq_one_letter_code
;MTEETISQAVPPVRDWPAVDLPGSDFDPVLTELMREGPVTRISLPNGEGWAWLVTRHDDVRLVTNDPRFGREAVMDRQVT
RLAPHFRPARGAVGFLDPPDHTRLRRSVAAAFTARGVERVRERSRGMLDELVDAMLRAGPPADLTEAVLSPFPIAVICEL
MGVPATDRHSMHTWTQLILSSSHGAEVSERAKNEMNAYFSDLIGLRSDSAGEDVTSLLGAAVGRDEITLSEAVGLAVLLQ
IGGEAVTNNSGQMFHLLLSRPELAERLRSEPEIRPRAIDELLRWIPHRNAVGLSRIALEDVEIKGVRIRAGDAVYVSYLA
ANRDPEVFPDPDRIDFERSPNPHVSFGFGPHYCPGGMLARLESELLVDAVLDRVPGLKLAVAPEDVPFKKGALIRGPEAL
PVTWHHHHHH
;
_entity_poly.pdbx_strand_id   A,B
#
loop_
_chem_comp.id
_chem_comp.type
_chem_comp.name
_chem_comp.formula
HEM non-polymer 'PROTOPORPHYRIN IX CONTAINING FE' 'C34 H32 Fe N4 O4'
SPM non-polymer SPERMINE 'C10 H26 N4'
#
# COMPACT_ATOMS: atom_id res chain seq x y z
N THR A 5 -7.36 22.36 15.31
CA THR A 5 -8.05 23.03 16.42
C THR A 5 -7.20 23.13 17.69
N ILE A 6 -7.11 22.04 18.44
CA ILE A 6 -6.41 21.96 19.72
C ILE A 6 -5.10 21.20 19.58
N SER A 7 -4.01 21.70 20.16
CA SER A 7 -2.75 20.97 20.05
C SER A 7 -2.82 19.68 20.88
N GLN A 8 -2.42 18.58 20.25
CA GLN A 8 -2.21 17.33 20.95
C GLN A 8 -0.71 17.18 21.12
N ALA A 9 -0.22 17.34 22.35
CA ALA A 9 1.22 17.21 22.60
C ALA A 9 1.76 15.89 22.10
N VAL A 10 2.98 15.91 21.56
CA VAL A 10 3.66 14.66 21.23
C VAL A 10 3.90 13.88 22.52
N PRO A 11 3.92 12.54 22.42
CA PRO A 11 4.23 11.67 23.55
C PRO A 11 5.66 11.90 24.01
N PRO A 12 5.94 11.64 25.29
CA PRO A 12 7.33 11.70 25.77
C PRO A 12 8.18 10.63 25.11
N VAL A 13 9.47 10.90 24.92
CA VAL A 13 10.37 9.88 24.43
C VAL A 13 10.58 8.87 25.54
N ARG A 14 10.24 7.60 25.29
CA ARG A 14 10.47 6.54 26.26
C ARG A 14 11.75 5.77 25.97
N ASP A 15 12.64 5.70 26.96
CA ASP A 15 13.86 4.93 26.82
C ASP A 15 13.53 3.44 26.90
N TRP A 16 14.11 2.66 25.99
CA TRP A 16 13.87 1.20 25.94
C TRP A 16 15.19 0.45 25.96
N PRO A 17 15.78 0.31 27.15
CA PRO A 17 17.08 -0.36 27.36
C PRO A 17 17.02 -1.85 27.02
N ALA A 18 18.17 -2.40 26.64
CA ALA A 18 18.26 -3.82 26.38
C ALA A 18 18.16 -4.60 27.68
N VAL A 19 17.15 -5.45 27.77
CA VAL A 19 16.94 -6.28 28.95
C VAL A 19 16.79 -7.72 28.51
N ASP A 20 17.43 -8.63 29.23
CA ASP A 20 17.24 -10.05 29.01
C ASP A 20 16.01 -10.53 29.78
N LEU A 21 15.01 -10.98 29.04
CA LEU A 21 13.76 -11.43 29.63
C LEU A 21 13.81 -12.95 29.82
N PRO A 22 13.23 -13.46 30.92
CA PRO A 22 13.19 -14.90 31.19
C PRO A 22 12.21 -15.61 30.27
N GLY A 23 12.57 -16.77 29.74
CA GLY A 23 11.66 -17.60 28.96
C GLY A 23 10.84 -16.84 27.92
N SER A 24 9.52 -16.97 28.00
CA SER A 24 8.65 -16.29 27.04
C SER A 24 7.88 -15.16 27.69
N ASP A 25 8.35 -14.64 28.83
CA ASP A 25 7.70 -13.51 29.50
C ASP A 25 7.59 -12.30 28.58
N PHE A 26 6.45 -11.63 28.59
CA PHE A 26 6.27 -10.42 27.79
C PHE A 26 7.12 -9.25 28.35
N ASP A 27 7.64 -8.41 27.45
CA ASP A 27 8.43 -7.23 27.83
C ASP A 27 7.58 -6.20 28.57
N PRO A 28 7.87 -5.95 29.86
CA PRO A 28 7.02 -4.98 30.56
C PRO A 28 7.13 -3.54 30.03
N VAL A 29 8.27 -3.19 29.44
CA VAL A 29 8.37 -1.86 28.82
C VAL A 29 7.43 -1.79 27.61
N LEU A 30 7.35 -2.88 26.85
CA LEU A 30 6.43 -2.90 25.70
C LEU A 30 4.99 -2.82 26.19
N THR A 31 4.67 -3.53 27.28
CA THR A 31 3.34 -3.39 27.89
C THR A 31 3.04 -1.94 28.27
N GLU A 32 3.98 -1.28 28.92
CA GLU A 32 3.84 0.14 29.27
C GLU A 32 3.53 0.97 28.02
N LEU A 33 4.30 0.73 26.95
CA LEU A 33 4.10 1.48 25.71
C LEU A 33 2.71 1.19 25.13
N MET A 34 2.27 -0.07 25.20
CA MET A 34 0.97 -0.42 24.67
C MET A 34 -0.12 0.33 25.43
N ARG A 35 0.08 0.50 26.73
CA ARG A 35 -0.92 1.17 27.55
C ARG A 35 -0.93 2.68 27.39
N GLU A 36 0.18 3.22 26.88
CA GLU A 36 0.30 4.68 26.80
C GLU A 36 -0.60 5.30 25.72
N GLY A 37 -0.75 4.62 24.61
CA GLY A 37 -1.57 5.12 23.51
C GLY A 37 -1.14 4.43 22.24
N PRO A 38 -1.91 4.59 21.16
CA PRO A 38 -1.48 3.89 19.94
C PRO A 38 -0.16 4.39 19.37
N VAL A 39 0.18 5.67 19.57
CA VAL A 39 1.40 6.19 18.96
C VAL A 39 2.31 6.71 20.05
N THR A 40 3.51 6.12 20.15
CA THR A 40 4.46 6.54 21.18
C THR A 40 5.79 6.93 20.55
N ARG A 41 6.75 7.40 21.34
CA ARG A 41 8.08 7.65 20.84
C ARG A 41 9.07 6.88 21.73
N ILE A 42 10.06 6.27 21.09
CA ILE A 42 11.02 5.43 21.80
C ILE A 42 12.43 5.81 21.47
N SER A 43 13.31 5.48 22.39
CA SER A 43 14.74 5.60 22.18
C SER A 43 15.35 4.27 22.58
N LEU A 44 16.04 3.65 21.62
CA LEU A 44 16.67 2.35 21.82
C LEU A 44 18.16 2.55 22.16
N PRO A 45 18.84 1.47 22.62
CA PRO A 45 20.22 1.65 23.09
C PRO A 45 21.20 2.21 22.04
N ASN A 46 21.00 1.87 20.76
CA ASN A 46 21.94 2.26 19.71
C ASN A 46 21.33 3.19 18.67
N GLY A 47 22.14 3.64 17.73
CA GLY A 47 21.72 4.65 16.78
C GLY A 47 21.49 5.95 17.54
N GLU A 48 20.78 6.89 16.93
CA GLU A 48 20.61 8.22 17.53
C GLU A 48 19.18 8.71 17.49
N GLY A 49 18.80 9.52 18.47
CA GLY A 49 17.51 10.19 18.47
C GLY A 49 16.36 9.28 18.88
N TRP A 50 15.18 9.58 18.36
CA TRP A 50 14.00 8.80 18.71
C TRP A 50 13.28 8.31 17.45
N ALA A 51 12.31 7.44 17.65
CA ALA A 51 11.47 6.98 16.56
C ALA A 51 10.04 6.82 17.05
N TRP A 52 9.08 7.01 16.16
CA TRP A 52 7.70 6.66 16.49
C TRP A 52 7.59 5.16 16.65
N LEU A 53 6.64 4.72 17.47
CA LEU A 53 6.28 3.31 17.61
C LEU A 53 4.78 3.17 17.51
N VAL A 54 4.29 2.20 16.71
CA VAL A 54 2.87 1.88 16.72
C VAL A 54 2.68 0.42 17.21
N THR A 55 1.62 0.20 17.98
CA THR A 55 1.40 -1.07 18.66
C THR A 55 0.06 -1.75 18.32
N ARG A 56 -0.91 -0.98 17.84
CA ARG A 56 -2.24 -1.54 17.49
C ARG A 56 -2.21 -2.22 16.13
N HIS A 57 -3.00 -3.28 15.98
CA HIS A 57 -2.99 -4.11 14.77
C HIS A 57 -3.26 -3.27 13.49
N ASP A 58 -4.25 -2.38 13.55
CA ASP A 58 -4.57 -1.60 12.36
C ASP A 58 -3.43 -0.64 11.96
N ASP A 59 -2.82 0.00 12.96
CA ASP A 59 -1.72 0.92 12.68
C ASP A 59 -0.48 0.19 12.17
N VAL A 60 -0.25 -1.01 12.69
CA VAL A 60 0.88 -1.82 12.25
C VAL A 60 0.68 -2.26 10.78
N ARG A 61 -0.54 -2.66 10.43
CA ARG A 61 -0.84 -2.96 9.03
C ARG A 61 -0.68 -1.73 8.12
N LEU A 62 -1.11 -0.56 8.62
CA LEU A 62 -0.95 0.66 7.83
C LEU A 62 0.52 0.92 7.56
N VAL A 63 1.32 0.96 8.62
CA VAL A 63 2.70 1.38 8.49
C VAL A 63 3.52 0.40 7.64
N THR A 64 3.21 -0.89 7.76
CA THR A 64 3.99 -1.87 7.01
C THR A 64 3.51 -2.08 5.57
N ASN A 65 2.28 -1.69 5.25
CA ASN A 65 1.80 -1.92 3.88
C ASN A 65 1.65 -0.66 3.02
N ASP A 66 1.66 0.51 3.64
CA ASP A 66 1.40 1.74 2.89
C ASP A 66 2.66 2.25 2.19
N PRO A 67 2.52 2.61 0.90
CA PRO A 67 3.64 3.10 0.07
C PRO A 67 4.26 4.39 0.61
N ARG A 68 3.57 5.07 1.49
CA ARG A 68 4.10 6.32 2.03
C ARG A 68 5.26 6.08 3.01
N PHE A 69 5.53 4.81 3.34
CA PHE A 69 6.64 4.48 4.25
C PHE A 69 7.69 3.70 3.48
N GLY A 70 8.96 4.02 3.70
CA GLY A 70 10.02 3.43 2.89
C GLY A 70 11.12 2.80 3.70
N ARG A 71 11.75 1.77 3.13
CA ARG A 71 12.86 1.09 3.80
C ARG A 71 14.25 1.59 3.38
N GLU A 72 14.44 1.94 2.12
CA GLU A 72 15.76 2.37 1.66
C GLU A 72 16.23 3.60 2.43
N ALA A 73 15.29 4.51 2.69
CA ALA A 73 15.59 5.75 3.36
C ALA A 73 16.15 5.53 4.77
N VAL A 74 15.90 4.35 5.35
CA VAL A 74 16.40 4.02 6.69
C VAL A 74 17.93 4.07 6.73
N MET A 75 18.59 3.84 5.60
CA MET A 75 20.04 3.83 5.66
C MET A 75 20.63 5.23 5.44
N ASP A 76 19.78 6.25 5.36
CA ASP A 76 20.27 7.63 5.19
C ASP A 76 20.70 8.27 6.51
N ARG A 77 20.46 7.62 7.64
CA ARG A 77 20.94 8.13 8.93
C ARG A 77 21.02 7.04 9.99
N GLN A 78 21.40 7.41 11.20
CA GLN A 78 21.56 6.46 12.29
C GLN A 78 20.30 6.39 13.15
N VAL A 79 19.26 5.76 12.62
CA VAL A 79 18.00 5.62 13.33
C VAL A 79 18.19 4.84 14.64
N THR A 80 17.56 5.30 15.73
CA THR A 80 17.64 4.61 17.01
C THR A 80 17.25 3.14 16.78
N ARG A 81 18.04 2.24 17.35
CA ARG A 81 17.91 0.80 17.09
C ARG A 81 18.43 -0.03 18.27
N LEU A 82 18.03 -1.30 18.31
CA LEU A 82 18.48 -2.21 19.36
C LEU A 82 19.89 -2.75 19.07
N ALA A 83 20.08 -3.29 17.87
CA ALA A 83 21.36 -3.90 17.47
C ALA A 83 22.51 -2.90 17.51
N PRO A 84 23.65 -3.32 18.07
CA PRO A 84 24.87 -2.49 18.09
C PRO A 84 25.35 -2.10 16.68
N HIS A 85 25.28 -3.04 15.75
CA HIS A 85 25.82 -2.85 14.39
C HIS A 85 24.71 -2.75 13.36
N PHE A 86 24.97 -2.03 12.27
CA PHE A 86 23.89 -1.75 11.31
C PHE A 86 24.28 -1.47 9.87
N ARG A 87 23.42 -1.95 8.97
CA ARG A 87 23.53 -1.89 7.50
C ARG A 87 24.80 -2.59 6.98
N PRO A 88 24.70 -3.93 6.80
CA PRO A 88 25.73 -4.78 6.19
C PRO A 88 25.95 -4.38 4.75
N ALA A 89 25.14 -4.97 3.88
CA ALA A 89 25.06 -4.62 2.48
C ALA A 89 23.78 -3.83 2.21
N ARG A 90 23.82 -2.93 1.24
CA ARG A 90 22.68 -2.08 0.95
C ARG A 90 22.03 -2.56 -0.33
N GLY A 91 21.84 -3.88 -0.40
CA GLY A 91 21.21 -4.55 -1.51
C GLY A 91 20.41 -5.62 -0.81
N ALA A 92 20.58 -5.65 0.51
CA ALA A 92 19.86 -6.56 1.39
C ALA A 92 18.38 -6.38 1.17
N VAL A 93 17.65 -7.48 1.06
CA VAL A 93 16.24 -7.41 0.71
C VAL A 93 15.47 -6.53 1.71
N GLY A 94 15.89 -6.54 2.97
CA GLY A 94 15.22 -5.77 4.00
C GLY A 94 15.22 -4.28 3.74
N PHE A 95 16.25 -3.82 3.02
CA PHE A 95 16.44 -2.38 2.78
C PHE A 95 16.04 -1.92 1.39
N LEU A 96 15.36 -2.78 0.64
CA LEU A 96 14.91 -2.42 -0.68
C LEU A 96 13.44 -1.99 -0.66
N ASP A 97 13.10 -1.10 -1.57
CA ASP A 97 11.72 -0.68 -1.79
C ASP A 97 11.31 -1.19 -3.17
N PRO A 98 10.00 -1.18 -3.48
CA PRO A 98 9.47 -1.67 -4.76
C PRO A 98 10.04 -1.18 -6.10
N PRO A 99 11.07 -0.34 -6.12
CA PRO A 99 11.73 -0.35 -7.42
C PRO A 99 12.52 -1.64 -7.70
N ASP A 100 12.91 -2.35 -6.63
CA ASP A 100 13.90 -3.44 -6.69
C ASP A 100 13.50 -4.59 -5.74
N HIS A 101 12.84 -4.24 -4.64
CA HIS A 101 12.39 -5.23 -3.67
C HIS A 101 11.51 -6.28 -4.33
N THR A 102 10.58 -5.79 -5.14
CA THR A 102 9.63 -6.66 -5.81
C THR A 102 10.32 -7.65 -6.75
N ARG A 103 11.31 -7.19 -7.51
CA ARG A 103 12.03 -8.07 -8.42
C ARG A 103 12.63 -9.25 -7.64
N LEU A 104 13.29 -8.91 -6.55
CA LEU A 104 13.99 -9.91 -5.73
C LEU A 104 13.00 -10.89 -5.07
N ARG A 105 11.94 -10.39 -4.45
CA ARG A 105 10.98 -11.30 -3.80
C ARG A 105 10.26 -12.18 -4.83
N ARG A 106 9.87 -11.57 -5.95
CA ARG A 106 9.19 -12.26 -7.02
C ARG A 106 10.03 -13.41 -7.56
N SER A 107 11.34 -13.22 -7.64
CA SER A 107 12.21 -14.26 -8.21
C SER A 107 12.10 -15.62 -7.50
N VAL A 108 11.80 -15.63 -6.19
CA VAL A 108 11.72 -16.86 -5.39
C VAL A 108 10.35 -17.13 -4.77
N ALA A 109 9.40 -16.21 -4.97
CA ALA A 109 8.11 -16.31 -4.27
C ALA A 109 7.46 -17.69 -4.41
N ALA A 110 7.50 -18.26 -5.61
CA ALA A 110 6.82 -19.54 -5.88
C ALA A 110 7.28 -20.71 -5.00
N ALA A 111 8.52 -20.68 -4.55
CA ALA A 111 9.03 -21.79 -3.72
C ALA A 111 8.54 -21.66 -2.28
N PHE A 112 8.03 -20.49 -1.90
CA PHE A 112 7.71 -20.22 -0.49
C PHE A 112 6.21 -20.11 -0.19
N THR A 113 5.37 -20.25 -1.22
CA THR A 113 3.93 -20.35 -1.02
C THR A 113 3.57 -21.66 -0.30
N ALA A 114 2.32 -21.80 0.13
CA ALA A 114 1.89 -23.06 0.77
C ALA A 114 2.15 -24.25 -0.14
N ARG A 115 1.86 -24.05 -1.42
CA ARG A 115 2.01 -25.11 -2.41
C ARG A 115 3.49 -25.30 -2.71
N GLY A 116 4.24 -24.21 -2.70
CA GLY A 116 5.67 -24.30 -2.94
C GLY A 116 6.38 -25.10 -1.85
N VAL A 117 6.09 -24.78 -0.60
CA VAL A 117 6.79 -25.47 0.48
C VAL A 117 6.30 -26.90 0.63
N GLU A 118 5.05 -27.17 0.23
CA GLU A 118 4.58 -28.57 0.29
C GLU A 118 5.47 -29.53 -0.52
N ARG A 119 6.24 -28.99 -1.46
CA ARG A 119 7.09 -29.83 -2.29
C ARG A 119 8.18 -30.55 -1.46
N VAL A 120 8.55 -29.98 -0.32
CA VAL A 120 9.58 -30.65 0.46
C VAL A 120 9.06 -31.32 1.74
N ARG A 121 7.75 -31.43 1.88
CA ARG A 121 7.19 -31.94 3.14
C ARG A 121 7.55 -33.41 3.42
N GLU A 122 7.39 -34.27 2.44
CA GLU A 122 7.70 -35.68 2.71
C GLU A 122 9.19 -35.90 2.99
N ARG A 123 10.06 -35.27 2.21
CA ARG A 123 11.50 -35.43 2.43
C ARG A 123 11.86 -34.90 3.82
N SER A 124 11.27 -33.74 4.16
CA SER A 124 11.52 -33.12 5.46
C SER A 124 11.04 -34.00 6.58
N ARG A 125 9.89 -34.65 6.40
CA ARG A 125 9.37 -35.51 7.45
C ARG A 125 10.33 -36.68 7.62
N GLY A 126 10.88 -37.17 6.51
CA GLY A 126 11.89 -38.22 6.61
C GLY A 126 13.16 -37.79 7.35
N MET A 127 13.69 -36.63 7.00
CA MET A 127 14.88 -36.13 7.66
C MET A 127 14.65 -35.95 9.16
N LEU A 128 13.48 -35.43 9.51
CA LEU A 128 13.14 -35.28 10.92
C LEU A 128 13.08 -36.66 11.58
N ASP A 129 12.51 -37.66 10.92
CA ASP A 129 12.51 -39.00 11.52
C ASP A 129 13.92 -39.52 11.74
N GLU A 130 14.85 -39.15 10.86
CA GLU A 130 16.23 -39.59 11.05
C GLU A 130 16.79 -38.95 12.32
N LEU A 131 16.57 -37.66 12.47
CA LEU A 131 17.09 -36.96 13.65
C LEU A 131 16.50 -37.54 14.94
N VAL A 132 15.19 -37.77 14.95
CA VAL A 132 14.56 -38.30 16.14
C VAL A 132 15.00 -39.76 16.39
N ASP A 133 15.17 -40.54 15.32
CA ASP A 133 15.69 -41.91 15.45
C ASP A 133 16.99 -41.87 16.21
N ALA A 134 17.85 -40.93 15.81
CA ALA A 134 19.18 -40.86 16.42
C ALA A 134 19.08 -40.46 17.90
N MET A 135 18.19 -39.50 18.19
CA MET A 135 18.04 -39.04 19.57
C MET A 135 17.52 -40.18 20.46
N LEU A 136 16.54 -40.94 19.97
CA LEU A 136 15.99 -42.05 20.73
C LEU A 136 17.05 -43.11 20.96
N ARG A 137 17.86 -43.35 19.94
CA ARG A 137 18.88 -44.41 20.01
C ARG A 137 19.94 -44.04 21.05
N ALA A 138 20.33 -42.78 21.07
CA ALA A 138 21.33 -42.33 22.06
C ALA A 138 20.80 -42.40 23.49
N GLY A 139 19.48 -42.26 23.65
CA GLY A 139 18.84 -42.35 24.95
C GLY A 139 18.81 -41.02 25.68
N PRO A 140 17.93 -40.89 26.68
CA PRO A 140 17.74 -39.65 27.46
C PRO A 140 18.87 -39.42 28.49
N PRO A 141 19.06 -38.16 28.91
CA PRO A 141 18.36 -36.97 28.41
C PRO A 141 19.02 -36.42 27.15
N ALA A 142 18.41 -35.39 26.57
CA ALA A 142 18.96 -34.78 25.36
C ALA A 142 18.66 -33.32 25.37
N ASP A 143 19.45 -32.55 24.65
CA ASP A 143 19.15 -31.14 24.41
C ASP A 143 18.38 -31.12 23.11
N LEU A 144 17.06 -30.92 23.20
CA LEU A 144 16.22 -30.99 22.01
C LEU A 144 16.66 -29.98 20.95
N THR A 145 17.17 -28.84 21.38
CA THR A 145 17.66 -27.85 20.42
C THR A 145 18.84 -28.43 19.63
N GLU A 146 19.85 -28.90 20.33
CA GLU A 146 21.02 -29.45 19.62
C GLU A 146 20.66 -30.68 18.79
N ALA A 147 19.81 -31.53 19.33
CA ALA A 147 19.53 -32.81 18.68
C ALA A 147 18.57 -32.69 17.51
N VAL A 148 17.66 -31.71 17.57
CA VAL A 148 16.57 -31.68 16.60
C VAL A 148 16.26 -30.26 16.11
N LEU A 149 15.92 -29.35 17.01
CA LEU A 149 15.40 -28.05 16.55
C LEU A 149 16.43 -27.20 15.77
N SER A 150 17.72 -27.41 16.04
CA SER A 150 18.77 -26.70 15.31
C SER A 150 19.07 -27.36 13.96
N PRO A 151 19.32 -28.69 13.92
CA PRO A 151 19.67 -29.22 12.58
C PRO A 151 18.52 -29.28 11.59
N PHE A 152 17.28 -29.46 12.07
CA PHE A 152 16.16 -29.72 11.16
C PHE A 152 15.87 -28.55 10.20
N PRO A 153 15.82 -27.30 10.71
CA PRO A 153 15.52 -26.25 9.74
C PRO A 153 16.62 -26.08 8.66
N ILE A 154 17.86 -26.40 9.01
CA ILE A 154 18.96 -26.34 8.07
C ILE A 154 18.85 -27.43 7.00
N ALA A 155 18.43 -28.64 7.42
CA ALA A 155 18.23 -29.73 6.47
C ALA A 155 17.12 -29.35 5.49
N VAL A 156 16.05 -28.78 6.04
CA VAL A 156 14.89 -28.48 5.22
C VAL A 156 15.24 -27.40 4.22
N ILE A 157 15.94 -26.35 4.68
CA ILE A 157 16.25 -25.30 3.73
C ILE A 157 17.25 -25.78 2.68
N CYS A 158 18.18 -26.67 3.04
CA CYS A 158 19.04 -27.25 2.02
C CYS A 158 18.24 -27.90 0.90
N GLU A 159 17.22 -28.66 1.28
CA GLU A 159 16.37 -29.31 0.31
C GLU A 159 15.58 -28.29 -0.54
N LEU A 160 14.99 -27.29 0.10
CA LEU A 160 14.21 -26.30 -0.65
C LEU A 160 15.10 -25.47 -1.58
N MET A 161 16.32 -25.19 -1.15
CA MET A 161 17.26 -24.37 -1.92
C MET A 161 17.82 -25.15 -3.09
N GLY A 162 17.77 -26.47 -3.00
CA GLY A 162 18.37 -27.29 -4.05
C GLY A 162 19.89 -27.39 -3.98
N VAL A 163 20.43 -27.44 -2.76
CA VAL A 163 21.86 -27.63 -2.54
C VAL A 163 22.24 -29.08 -2.84
N PRO A 164 23.20 -29.29 -3.76
CA PRO A 164 23.70 -30.66 -4.02
C PRO A 164 24.03 -31.42 -2.72
N ALA A 165 23.60 -32.68 -2.62
CA ALA A 165 23.78 -33.48 -1.40
C ALA A 165 25.18 -33.40 -0.78
N THR A 166 26.22 -33.55 -1.60
CA THR A 166 27.60 -33.61 -1.09
C THR A 166 28.08 -32.27 -0.53
N ASP A 167 27.27 -31.23 -0.64
CA ASP A 167 27.68 -29.93 -0.14
C ASP A 167 26.86 -29.57 1.08
N ARG A 168 25.87 -30.38 1.43
CA ARG A 168 24.95 -29.92 2.46
C ARG A 168 25.61 -29.93 3.82
N HIS A 169 26.54 -30.84 4.08
CA HIS A 169 27.15 -30.72 5.38
C HIS A 169 28.09 -29.50 5.41
N SER A 170 28.70 -29.12 4.28
CA SER A 170 29.43 -27.86 4.33
C SER A 170 28.43 -26.73 4.65
N MET A 171 27.23 -26.80 4.05
CA MET A 171 26.22 -25.78 4.35
C MET A 171 25.95 -25.74 5.84
N HIS A 172 25.76 -26.91 6.46
CA HIS A 172 25.45 -26.92 7.88
C HIS A 172 26.52 -26.16 8.62
N THR A 173 27.76 -26.55 8.36
CA THR A 173 28.86 -25.97 9.11
C THR A 173 28.88 -24.47 8.91
N TRP A 174 28.77 -24.02 7.65
CA TRP A 174 28.81 -22.59 7.38
C TRP A 174 27.72 -21.88 8.17
N THR A 175 26.52 -22.44 8.13
CA THR A 175 25.40 -21.80 8.80
C THR A 175 25.71 -21.66 10.29
N GLN A 176 26.23 -22.73 10.89
CA GLN A 176 26.53 -22.72 12.31
C GLN A 176 27.59 -21.68 12.63
N LEU A 177 28.56 -21.53 11.73
CA LEU A 177 29.64 -20.58 11.97
C LEU A 177 29.18 -19.14 11.81
N ILE A 178 28.27 -18.91 10.87
CA ILE A 178 27.83 -17.54 10.59
C ILE A 178 27.06 -16.94 11.77
N LEU A 179 27.53 -15.77 12.19
CA LEU A 179 27.04 -15.00 13.36
C LEU A 179 26.54 -15.78 14.59
N SER A 180 26.62 -17.10 14.62
CA SER A 180 26.09 -17.90 15.75
C SER A 180 27.01 -19.02 16.23
N SER A 181 28.28 -18.72 16.40
CA SER A 181 29.17 -19.62 17.09
C SER A 181 29.89 -18.70 18.02
N SER A 182 31.20 -18.87 18.12
CA SER A 182 32.06 -17.95 18.84
C SER A 182 33.17 -17.60 17.83
N HIS A 183 34.30 -17.10 18.28
CA HIS A 183 35.34 -16.55 17.39
C HIS A 183 34.66 -15.38 16.75
N GLY A 184 34.42 -14.30 17.48
CA GLY A 184 33.76 -13.18 16.84
C GLY A 184 34.53 -12.64 15.66
N ALA A 185 33.88 -11.79 14.88
CA ALA A 185 34.43 -11.17 13.68
C ALA A 185 34.98 -12.18 12.66
N GLU A 186 36.05 -12.91 12.97
CA GLU A 186 36.83 -13.61 11.92
C GLU A 186 36.10 -14.83 11.28
N VAL A 187 35.70 -15.84 12.06
CA VAL A 187 35.28 -17.09 11.45
C VAL A 187 33.91 -16.87 10.85
N SER A 188 33.03 -16.16 11.55
CA SER A 188 31.75 -15.75 11.00
C SER A 188 31.83 -15.15 9.59
N GLU A 189 32.63 -14.11 9.37
CA GLU A 189 32.63 -13.48 8.04
C GLU A 189 33.39 -14.35 7.06
N ARG A 190 34.33 -15.17 7.52
CA ARG A 190 34.96 -16.10 6.56
C ARG A 190 33.96 -17.19 6.08
N ALA A 191 33.11 -17.66 6.99
CA ALA A 191 32.05 -18.60 6.68
C ALA A 191 31.06 -17.93 5.74
N LYS A 192 30.80 -16.65 5.99
CA LYS A 192 29.91 -15.89 5.16
C LYS A 192 30.50 -15.72 3.77
N ASN A 193 31.81 -15.50 3.69
CA ASN A 193 32.47 -15.42 2.40
C ASN A 193 32.41 -16.72 1.63
N GLU A 194 32.65 -17.83 2.33
CA GLU A 194 32.59 -19.12 1.66
C GLU A 194 31.18 -19.40 1.16
N MET A 195 30.18 -19.15 2.00
CA MET A 195 28.79 -19.38 1.57
C MET A 195 28.43 -18.47 0.40
N ASN A 196 28.88 -17.22 0.45
CA ASN A 196 28.65 -16.28 -0.64
C ASN A 196 29.22 -16.83 -1.94
N ALA A 197 30.47 -17.26 -1.88
CA ALA A 197 31.14 -17.78 -3.07
C ALA A 197 30.42 -19.01 -3.60
N TYR A 198 30.00 -19.87 -2.68
CA TYR A 198 29.30 -21.10 -3.04
C TYR A 198 28.04 -20.78 -3.82
N PHE A 199 27.18 -19.95 -3.24
CA PHE A 199 25.92 -19.61 -3.89
C PHE A 199 26.16 -18.84 -5.19
N SER A 200 27.23 -18.04 -5.25
CA SER A 200 27.53 -17.30 -6.46
C SER A 200 27.77 -18.28 -7.59
N ASP A 201 28.50 -19.34 -7.26
CA ASP A 201 28.82 -20.37 -8.24
C ASP A 201 27.59 -21.19 -8.63
N LEU A 202 26.86 -21.71 -7.64
CA LEU A 202 25.68 -22.53 -7.91
C LEU A 202 24.63 -21.77 -8.72
N ILE A 203 24.30 -20.57 -8.27
CA ILE A 203 23.31 -19.74 -8.96
C ILE A 203 23.81 -19.40 -10.37
N GLY A 204 25.10 -19.05 -10.48
CA GLY A 204 25.69 -18.79 -11.77
C GLY A 204 25.52 -19.97 -12.70
N LEU A 205 25.84 -21.14 -12.20
CA LEU A 205 25.72 -22.39 -12.94
C LEU A 205 24.28 -22.69 -13.35
N ARG A 206 23.33 -22.13 -12.62
CA ARG A 206 21.93 -22.40 -12.91
C ARG A 206 21.30 -21.23 -13.67
N SER A 207 22.13 -20.51 -14.44
CA SER A 207 21.66 -19.34 -15.18
C SER A 207 20.53 -19.64 -16.18
N ASP A 208 20.47 -20.86 -16.69
CA ASP A 208 19.36 -21.19 -17.58
C ASP A 208 18.74 -22.50 -17.12
N SER A 209 18.48 -22.60 -15.83
CA SER A 209 17.80 -23.74 -15.26
C SER A 209 16.28 -23.52 -15.27
N ALA A 210 15.53 -24.60 -15.46
CA ALA A 210 14.08 -24.54 -15.34
C ALA A 210 13.66 -25.23 -14.05
N GLY A 211 14.65 -25.48 -13.19
CA GLY A 211 14.39 -26.11 -11.90
C GLY A 211 13.52 -25.22 -11.03
N GLU A 212 12.91 -25.82 -10.01
CA GLU A 212 11.99 -25.06 -9.17
C GLU A 212 12.47 -24.91 -7.73
N ASP A 213 13.62 -25.49 -7.43
CA ASP A 213 14.30 -25.21 -6.16
C ASP A 213 14.72 -23.75 -6.17
N VAL A 214 15.03 -23.19 -4.99
CA VAL A 214 15.25 -21.76 -4.91
C VAL A 214 16.48 -21.27 -5.67
N THR A 215 17.58 -22.01 -5.62
CA THR A 215 18.78 -21.55 -6.32
C THR A 215 18.59 -21.63 -7.84
N SER A 216 17.79 -22.59 -8.32
CA SER A 216 17.46 -22.64 -9.76
C SER A 216 16.62 -21.43 -10.18
N LEU A 217 15.64 -21.09 -9.36
CA LEU A 217 14.82 -19.92 -9.60
C LEU A 217 15.66 -18.65 -9.61
N LEU A 218 16.57 -18.54 -8.64
CA LEU A 218 17.48 -17.41 -8.59
C LEU A 218 18.37 -17.38 -9.83
N GLY A 219 18.96 -18.52 -10.18
CA GLY A 219 19.81 -18.63 -11.37
C GLY A 219 19.11 -18.19 -12.64
N ALA A 220 17.88 -18.65 -12.82
CA ALA A 220 17.07 -18.31 -13.99
C ALA A 220 16.74 -16.82 -14.02
N ALA A 221 16.35 -16.27 -12.88
CA ALA A 221 16.05 -14.83 -12.79
C ALA A 221 17.28 -13.98 -13.12
N VAL A 222 18.44 -14.44 -12.68
CA VAL A 222 19.71 -13.79 -13.00
C VAL A 222 19.98 -13.88 -14.50
N GLY A 223 19.75 -15.06 -15.04
CA GLY A 223 19.89 -15.30 -16.46
C GLY A 223 19.01 -14.42 -17.33
N ARG A 224 17.83 -14.07 -16.84
CA ARG A 224 16.92 -13.22 -17.62
C ARG A 224 17.07 -11.75 -17.23
N ASP A 225 18.13 -11.43 -16.49
CA ASP A 225 18.43 -10.07 -16.05
C ASP A 225 17.31 -9.43 -15.22
N GLU A 226 16.56 -10.24 -14.48
CA GLU A 226 15.54 -9.71 -13.59
C GLU A 226 16.19 -9.23 -12.31
N ILE A 227 17.28 -9.89 -11.93
CA ILE A 227 18.05 -9.50 -10.76
C ILE A 227 19.52 -9.71 -11.08
N THR A 228 20.39 -9.08 -10.30
CA THR A 228 21.83 -9.26 -10.50
C THR A 228 22.29 -10.49 -9.73
N LEU A 229 23.48 -10.97 -10.06
CA LEU A 229 24.05 -12.10 -9.35
C LEU A 229 24.23 -11.77 -7.86
N SER A 230 24.66 -10.53 -7.59
CA SER A 230 24.94 -10.09 -6.23
C SER A 230 23.67 -10.08 -5.36
N GLU A 231 22.58 -9.60 -5.94
CA GLU A 231 21.28 -9.57 -5.28
C GLU A 231 20.82 -11.00 -4.95
N ALA A 232 20.96 -11.87 -5.95
CA ALA A 232 20.57 -13.27 -5.81
C ALA A 232 21.36 -13.97 -4.71
N VAL A 233 22.68 -13.75 -4.69
CA VAL A 233 23.54 -14.37 -3.69
C VAL A 233 23.18 -13.87 -2.28
N GLY A 234 23.01 -12.55 -2.13
CA GLY A 234 22.65 -12.02 -0.84
C GLY A 234 21.35 -12.60 -0.29
N LEU A 235 20.35 -12.71 -1.16
CA LEU A 235 19.08 -13.25 -0.72
C LEU A 235 19.24 -14.73 -0.37
N ALA A 236 19.97 -15.45 -1.22
CA ALA A 236 20.19 -16.88 -1.00
C ALA A 236 20.80 -17.12 0.38
N VAL A 237 21.83 -16.35 0.72
CA VAL A 237 22.44 -16.45 2.03
C VAL A 237 21.43 -16.16 3.15
N LEU A 238 20.65 -15.07 3.02
CA LEU A 238 19.63 -14.78 4.05
C LEU A 238 18.63 -15.93 4.27
N LEU A 239 18.12 -16.47 3.17
CA LEU A 239 17.19 -17.58 3.22
C LEU A 239 17.86 -18.81 3.84
N GLN A 240 19.10 -19.07 3.44
CA GLN A 240 19.82 -20.26 3.91
C GLN A 240 20.07 -20.22 5.42
N ILE A 241 20.35 -19.03 5.96
CA ILE A 241 20.58 -18.95 7.41
C ILE A 241 19.31 -18.56 8.21
N GLY A 242 18.21 -18.36 7.51
CA GLY A 242 16.97 -17.95 8.16
C GLY A 242 16.28 -18.92 9.10
N GLY A 243 16.61 -20.21 9.01
CA GLY A 243 16.00 -21.26 9.81
C GLY A 243 16.25 -21.16 11.30
N GLU A 244 17.26 -20.41 11.70
CA GLU A 244 17.48 -20.16 13.11
C GLU A 244 16.24 -19.54 13.76
N ALA A 245 15.47 -18.80 12.97
CA ALA A 245 14.24 -18.24 13.50
C ALA A 245 13.33 -19.37 13.96
N VAL A 246 13.24 -20.45 13.15
CA VAL A 246 12.40 -21.59 13.49
C VAL A 246 12.99 -22.34 14.66
N THR A 247 14.31 -22.48 14.69
CA THR A 247 14.96 -23.10 15.84
C THR A 247 14.57 -22.38 17.14
N ASN A 248 14.66 -21.06 17.14
CA ASN A 248 14.35 -20.29 18.35
C ASN A 248 12.87 -20.34 18.69
N ASN A 249 12.04 -20.13 17.67
CA ASN A 249 10.61 -20.03 17.85
C ASN A 249 10.02 -21.37 18.28
N SER A 250 10.40 -22.44 17.58
CA SER A 250 9.96 -23.77 17.95
C SER A 250 10.50 -24.15 19.33
N GLY A 251 11.67 -23.64 19.69
CA GLY A 251 12.15 -23.84 21.06
C GLY A 251 11.19 -23.24 22.07
N GLN A 252 10.69 -22.04 21.80
CA GLN A 252 9.69 -21.48 22.69
C GLN A 252 8.40 -22.31 22.65
N MET A 253 8.02 -22.79 21.47
CA MET A 253 6.86 -23.67 21.34
C MET A 253 6.95 -24.87 22.29
N PHE A 254 8.07 -25.59 22.24
CA PHE A 254 8.17 -26.79 23.06
C PHE A 254 8.38 -26.46 24.52
N HIS A 255 9.06 -25.35 24.80
CA HIS A 255 9.16 -24.89 26.18
C HIS A 255 7.76 -24.69 26.79
N LEU A 256 6.88 -24.09 26.00
CA LEU A 256 5.48 -23.91 26.40
C LEU A 256 4.73 -25.23 26.51
N LEU A 257 4.84 -26.06 25.47
CA LEU A 257 4.14 -27.34 25.47
C LEU A 257 4.55 -28.23 26.65
N LEU A 258 5.80 -28.11 27.09
CA LEU A 258 6.29 -28.97 28.16
C LEU A 258 6.10 -28.37 29.54
N SER A 259 6.15 -27.06 29.65
CA SER A 259 5.98 -26.38 30.92
C SER A 259 4.52 -26.20 31.28
N ARG A 260 3.67 -26.21 30.24
CA ARG A 260 2.21 -26.14 30.41
C ARG A 260 1.59 -27.38 29.82
N PRO A 261 1.65 -28.50 30.58
CA PRO A 261 1.31 -29.83 30.08
C PRO A 261 -0.06 -29.92 29.42
N GLU A 262 -1.03 -29.11 29.86
CA GLU A 262 -2.35 -29.13 29.24
C GLU A 262 -2.31 -28.85 27.74
N LEU A 263 -1.35 -28.05 27.29
CA LEU A 263 -1.24 -27.73 25.86
C LEU A 263 -0.81 -28.96 25.09
N ALA A 264 0.25 -29.61 25.59
CA ALA A 264 0.74 -30.82 24.98
C ALA A 264 -0.35 -31.88 24.98
N GLU A 265 -1.07 -31.98 26.10
CA GLU A 265 -2.15 -32.96 26.24
C GLU A 265 -3.24 -32.72 25.23
N ARG A 266 -3.54 -31.45 24.96
CA ARG A 266 -4.55 -31.14 23.94
C ARG A 266 -4.08 -31.59 22.57
N LEU A 267 -2.80 -31.38 22.29
CA LEU A 267 -2.31 -31.70 20.95
C LEU A 267 -2.18 -33.23 20.75
N ARG A 268 -2.03 -33.97 21.84
CA ARG A 268 -2.03 -35.43 21.72
C ARG A 268 -3.46 -35.98 21.61
N SER A 269 -4.38 -35.36 22.33
CA SER A 269 -5.77 -35.82 22.31
C SER A 269 -6.54 -35.47 21.04
N GLU A 270 -6.18 -34.35 20.42
CA GLU A 270 -6.85 -33.87 19.23
C GLU A 270 -5.83 -33.41 18.20
N PRO A 271 -5.17 -34.38 17.52
CA PRO A 271 -4.10 -34.08 16.55
C PRO A 271 -4.59 -33.16 15.44
N GLU A 272 -5.89 -33.24 15.16
CA GLU A 272 -6.47 -32.43 14.09
C GLU A 272 -6.31 -30.92 14.33
N ILE A 273 -6.13 -30.53 15.58
CA ILE A 273 -6.06 -29.09 15.91
C ILE A 273 -4.63 -28.58 15.82
N ARG A 274 -3.69 -29.46 15.50
CA ARG A 274 -2.30 -29.03 15.52
C ARG A 274 -1.96 -27.84 14.58
N PRO A 275 -2.49 -27.81 13.34
CA PRO A 275 -2.14 -26.63 12.53
C PRO A 275 -2.62 -25.30 13.17
N ARG A 276 -3.87 -25.27 13.63
CA ARG A 276 -4.43 -24.10 14.28
C ARG A 276 -3.68 -23.78 15.56
N ALA A 277 -3.30 -24.83 16.30
CA ALA A 277 -2.58 -24.64 17.54
C ALA A 277 -1.23 -23.98 17.25
N ILE A 278 -0.61 -24.41 16.16
CA ILE A 278 0.70 -23.86 15.82
C ILE A 278 0.51 -22.37 15.51
N ASP A 279 -0.60 -22.05 14.83
CA ASP A 279 -0.79 -20.64 14.47
C ASP A 279 -0.98 -19.81 15.71
N GLU A 280 -1.65 -20.41 16.69
CA GLU A 280 -1.91 -19.69 17.93
C GLU A 280 -0.58 -19.50 18.65
N LEU A 281 0.23 -20.56 18.66
CA LEU A 281 1.51 -20.43 19.31
C LEU A 281 2.31 -19.34 18.58
N LEU A 282 2.26 -19.33 17.24
CA LEU A 282 3.03 -18.33 16.52
C LEU A 282 2.53 -16.95 16.88
N ARG A 283 1.22 -16.83 17.08
CA ARG A 283 0.70 -15.50 17.45
C ARG A 283 1.26 -15.07 18.79
N TRP A 284 1.25 -15.99 19.75
CA TRP A 284 1.51 -15.61 21.15
C TRP A 284 3.00 -15.46 21.47
N ILE A 285 3.83 -16.35 20.93
CA ILE A 285 5.26 -16.36 21.30
C ILE A 285 5.96 -15.04 21.02
N PRO A 286 6.58 -14.45 22.05
CA PRO A 286 7.34 -13.20 21.84
C PRO A 286 8.62 -13.52 21.09
N HIS A 287 8.55 -13.44 19.77
CA HIS A 287 9.61 -13.94 18.90
C HIS A 287 10.94 -13.17 19.03
N ARG A 288 10.85 -11.86 19.20
CA ARG A 288 12.05 -11.00 19.22
C ARG A 288 12.13 -10.13 20.47
N ASN A 289 13.32 -9.55 20.69
CA ASN A 289 13.53 -8.47 21.67
C ASN A 289 13.22 -7.12 21.04
N ALA A 290 12.49 -6.29 21.78
CA ALA A 290 12.11 -4.95 21.32
C ALA A 290 11.54 -4.97 19.89
N VAL A 291 12.06 -4.11 19.02
CA VAL A 291 11.59 -4.01 17.63
C VAL A 291 12.78 -4.10 16.66
N GLY A 292 12.47 -4.38 15.40
CA GLY A 292 13.54 -4.72 14.47
C GLY A 292 14.01 -3.59 13.59
N LEU A 293 13.37 -3.49 12.41
CA LEU A 293 13.77 -2.53 11.41
C LEU A 293 12.60 -1.54 11.10
N SER A 294 12.92 -0.25 11.25
CA SER A 294 11.95 0.81 11.02
C SER A 294 11.65 1.07 9.54
N ARG A 295 10.82 2.08 9.30
CA ARG A 295 10.51 2.57 7.98
C ARG A 295 10.53 4.09 8.09
N ILE A 296 10.84 4.81 7.01
CA ILE A 296 10.84 6.27 7.07
C ILE A 296 9.56 6.80 6.41
N ALA A 297 8.87 7.74 7.06
CA ALA A 297 7.74 8.38 6.42
C ALA A 297 8.24 9.17 5.22
N LEU A 298 7.74 8.87 4.02
CA LEU A 298 8.23 9.54 2.81
C LEU A 298 7.48 10.84 2.56
N GLU A 299 6.35 10.99 3.22
CA GLU A 299 5.57 12.23 3.21
C GLU A 299 4.85 12.26 4.57
N ASP A 300 4.30 13.40 4.96
CA ASP A 300 3.54 13.50 6.21
C ASP A 300 2.39 12.49 6.26
N VAL A 301 2.25 11.77 7.37
CA VAL A 301 1.15 10.81 7.51
C VAL A 301 0.51 10.93 8.89
N GLU A 302 -0.81 11.07 8.94
CA GLU A 302 -1.47 11.17 10.24
C GLU A 302 -1.89 9.80 10.74
N ILE A 303 -1.48 9.48 11.96
CA ILE A 303 -1.88 8.22 12.57
C ILE A 303 -2.50 8.51 13.95
N LYS A 304 -3.77 8.15 14.11
CA LYS A 304 -4.54 8.36 15.34
C LYS A 304 -4.35 9.79 15.84
N GLY A 305 -4.49 10.75 14.92
CA GLY A 305 -4.41 12.16 15.26
C GLY A 305 -3.01 12.69 15.52
N VAL A 306 -2.00 11.87 15.26
CA VAL A 306 -0.62 12.29 15.47
C VAL A 306 0.01 12.52 14.11
N ARG A 307 0.70 13.65 13.93
CA ARG A 307 1.31 13.91 12.63
C ARG A 307 2.72 13.34 12.61
N ILE A 308 2.89 12.30 11.80
CA ILE A 308 4.19 11.73 11.56
C ILE A 308 4.78 12.52 10.41
N ARG A 309 5.93 13.15 10.67
CA ARG A 309 6.54 14.04 9.68
C ARG A 309 7.40 13.26 8.71
N ALA A 310 7.39 13.69 7.45
CA ALA A 310 8.30 13.14 6.45
C ALA A 310 9.71 13.17 6.99
N GLY A 311 10.40 12.04 6.90
CA GLY A 311 11.74 11.93 7.43
C GLY A 311 11.79 11.22 8.78
N ASP A 312 10.68 11.22 9.52
CA ASP A 312 10.66 10.53 10.82
C ASP A 312 10.77 9.04 10.63
N ALA A 313 11.41 8.37 11.59
CA ALA A 313 11.43 6.92 11.60
C ALA A 313 10.24 6.37 12.35
N VAL A 314 9.67 5.28 11.86
CA VAL A 314 8.53 4.64 12.49
C VAL A 314 8.77 3.14 12.62
N TYR A 315 8.67 2.64 13.85
CA TYR A 315 8.71 1.20 14.14
C TYR A 315 7.32 0.62 14.32
N VAL A 316 7.17 -0.66 13.98
CA VAL A 316 5.98 -1.40 14.36
C VAL A 316 6.37 -2.46 15.36
N SER A 317 5.48 -2.77 16.29
CA SER A 317 5.68 -3.96 17.12
C SER A 317 4.68 -5.03 16.70
N TYR A 318 5.16 -6.03 15.97
CA TYR A 318 4.31 -7.15 15.62
C TYR A 318 3.89 -7.91 16.88
N LEU A 319 4.79 -8.01 17.85
CA LEU A 319 4.47 -8.66 19.13
C LEU A 319 3.28 -8.00 19.82
N ALA A 320 3.32 -6.67 19.88
CA ALA A 320 2.21 -5.93 20.48
C ALA A 320 0.91 -6.08 19.68
N ALA A 321 1.04 -6.02 18.35
CA ALA A 321 -0.10 -6.15 17.44
C ALA A 321 -0.75 -7.50 17.65
N ASN A 322 0.07 -8.51 17.92
CA ASN A 322 -0.49 -9.84 18.16
C ASN A 322 -1.20 -9.98 19.52
N ARG A 323 -1.14 -8.95 20.37
CA ARG A 323 -1.91 -8.94 21.62
C ARG A 323 -2.97 -7.84 21.59
N ASP A 324 -3.31 -7.35 20.39
CA ASP A 324 -4.34 -6.31 20.26
C ASP A 324 -5.68 -6.87 20.76
N PRO A 325 -6.21 -6.32 21.85
CA PRO A 325 -7.41 -6.87 22.49
C PRO A 325 -8.67 -6.81 21.63
N GLU A 326 -8.70 -5.91 20.65
CA GLU A 326 -9.87 -5.81 19.81
C GLU A 326 -9.87 -6.94 18.78
N VAL A 327 -8.70 -7.21 18.23
CA VAL A 327 -8.53 -8.24 17.21
C VAL A 327 -8.43 -9.62 17.84
N PHE A 328 -7.77 -9.69 18.99
CA PHE A 328 -7.59 -10.97 19.68
C PHE A 328 -8.11 -10.89 21.11
N PRO A 329 -9.42 -11.09 21.28
CA PRO A 329 -10.05 -11.08 22.61
C PRO A 329 -9.29 -11.98 23.56
N ASP A 330 -9.09 -11.52 24.80
CA ASP A 330 -8.31 -12.27 25.78
C ASP A 330 -6.95 -12.61 25.16
N PRO A 331 -6.20 -11.59 24.70
CA PRO A 331 -5.00 -11.78 23.87
C PRO A 331 -3.87 -12.54 24.53
N ASP A 332 -3.82 -12.52 25.86
CA ASP A 332 -2.75 -13.21 26.55
C ASP A 332 -3.05 -14.68 26.79
N ARG A 333 -4.26 -15.08 26.43
CA ARG A 333 -4.60 -16.49 26.56
C ARG A 333 -4.19 -17.27 25.31
N ILE A 334 -3.51 -18.39 25.53
CA ILE A 334 -3.21 -19.32 24.45
C ILE A 334 -4.47 -20.18 24.27
N ASP A 335 -5.18 -19.93 23.17
CA ASP A 335 -6.42 -20.63 22.87
C ASP A 335 -6.29 -21.33 21.50
N PHE A 336 -6.07 -22.63 21.50
CA PHE A 336 -5.84 -23.32 20.22
C PHE A 336 -7.03 -23.27 19.27
N GLU A 337 -8.21 -23.01 19.80
CA GLU A 337 -9.43 -22.95 19.00
C GLU A 337 -9.68 -21.56 18.44
N ARG A 338 -8.84 -20.60 18.82
CA ARG A 338 -9.05 -19.19 18.45
C ARG A 338 -9.58 -19.03 17.03
N SER A 339 -10.82 -18.54 17.01
CA SER A 339 -11.78 -18.20 15.89
C SER A 339 -11.18 -17.56 14.62
N PRO A 340 -11.16 -16.24 14.45
CA PRO A 340 -10.20 -15.99 13.39
C PRO A 340 -8.83 -15.69 14.02
N ASN A 341 -7.74 -16.01 13.36
CA ASN A 341 -6.41 -15.73 13.93
C ASN A 341 -5.49 -14.95 12.95
N PRO A 342 -5.80 -13.66 12.70
CA PRO A 342 -5.03 -12.87 11.74
C PRO A 342 -3.74 -12.28 12.34
N HIS A 343 -2.90 -13.14 12.89
CA HIS A 343 -1.67 -12.67 13.51
C HIS A 343 -0.66 -12.16 12.49
N VAL A 344 0.27 -11.31 12.95
CA VAL A 344 1.32 -10.77 12.09
C VAL A 344 2.68 -11.19 12.57
N SER A 345 2.78 -12.42 13.10
CA SER A 345 4.09 -12.90 13.53
C SER A 345 5.04 -13.01 12.35
N PHE A 346 4.51 -13.16 11.13
CA PHE A 346 5.40 -13.18 9.97
C PHE A 346 5.41 -11.84 9.28
N GLY A 347 5.05 -10.79 10.03
CA GLY A 347 5.05 -9.47 9.46
C GLY A 347 3.87 -9.16 8.56
N PHE A 348 4.00 -8.06 7.83
CA PHE A 348 2.89 -7.61 6.99
C PHE A 348 3.43 -6.71 5.89
N GLY A 349 2.66 -6.55 4.82
CA GLY A 349 3.10 -5.70 3.74
C GLY A 349 4.16 -6.37 2.87
N PRO A 350 4.76 -5.62 1.95
CA PRO A 350 5.75 -6.18 1.02
C PRO A 350 6.88 -6.96 1.70
N HIS A 351 7.33 -6.52 2.86
CA HIS A 351 8.44 -7.18 3.52
C HIS A 351 8.05 -8.35 4.43
N TYR A 352 6.79 -8.81 4.33
CA TYR A 352 6.36 -9.98 5.11
C TYR A 352 7.29 -11.16 4.90
N CYS A 353 7.42 -11.97 5.93
CA CYS A 353 8.40 -13.04 5.91
C CYS A 353 8.13 -14.06 4.80
N PRO A 354 9.11 -14.23 3.89
CA PRO A 354 9.06 -15.25 2.85
C PRO A 354 8.98 -16.66 3.46
N GLY A 355 9.61 -16.83 4.62
CA GLY A 355 9.65 -18.15 5.24
C GLY A 355 8.47 -18.55 6.12
N GLY A 356 7.40 -17.76 6.15
CA GLY A 356 6.25 -18.07 7.00
C GLY A 356 5.60 -19.42 6.76
N MET A 357 5.31 -19.74 5.50
CA MET A 357 4.70 -21.00 5.17
C MET A 357 5.67 -22.14 5.47
N LEU A 358 6.94 -21.91 5.16
CA LEU A 358 7.95 -22.89 5.47
C LEU A 358 8.06 -23.11 6.99
N ALA A 359 8.02 -22.03 7.77
CA ALA A 359 8.07 -22.15 9.23
C ALA A 359 6.87 -22.91 9.78
N ARG A 360 5.70 -22.71 9.19
CA ARG A 360 4.53 -23.47 9.66
C ARG A 360 4.71 -24.95 9.35
N LEU A 361 5.22 -25.25 8.15
CA LEU A 361 5.42 -26.65 7.77
C LEU A 361 6.42 -27.32 8.74
N GLU A 362 7.52 -26.63 8.97
CA GLU A 362 8.55 -27.16 9.87
C GLU A 362 8.02 -27.36 11.28
N SER A 363 7.22 -26.39 11.75
CA SER A 363 6.65 -26.47 13.08
C SER A 363 5.65 -27.62 13.19
N GLU A 364 4.84 -27.81 12.15
CA GLU A 364 3.86 -28.91 12.14
C GLU A 364 4.54 -30.28 12.19
N LEU A 365 5.58 -30.45 11.37
CA LEU A 365 6.33 -31.72 11.38
C LEU A 365 7.04 -31.96 12.73
N LEU A 366 7.64 -30.90 13.26
CA LEU A 366 8.29 -30.98 14.57
C LEU A 366 7.32 -31.37 15.67
N VAL A 367 6.19 -30.69 15.74
CA VAL A 367 5.21 -31.03 16.77
C VAL A 367 4.75 -32.49 16.62
N ASP A 368 4.50 -32.91 15.37
CA ASP A 368 4.14 -34.33 15.16
C ASP A 368 5.18 -35.28 15.74
N ALA A 369 6.42 -35.19 15.26
CA ALA A 369 7.43 -36.14 15.71
C ALA A 369 7.72 -36.05 17.23
N VAL A 370 7.85 -34.84 17.75
CA VAL A 370 8.23 -34.70 19.16
C VAL A 370 7.09 -35.15 20.08
N LEU A 371 5.85 -34.82 19.73
CA LEU A 371 4.73 -35.23 20.58
C LEU A 371 4.31 -36.68 20.37
N ASP A 372 4.62 -37.27 19.21
CA ASP A 372 4.12 -38.62 18.95
C ASP A 372 5.17 -39.70 19.12
N ARG A 373 6.45 -39.33 19.09
CA ARG A 373 7.51 -40.34 19.06
C ARG A 373 8.42 -40.40 20.30
N VAL A 374 8.20 -39.51 21.27
CA VAL A 374 9.05 -39.48 22.45
C VAL A 374 8.27 -39.83 23.71
N PRO A 375 8.31 -41.12 24.10
CA PRO A 375 7.46 -41.67 25.17
C PRO A 375 7.77 -41.05 26.53
N GLY A 376 6.82 -40.33 27.11
CA GLY A 376 6.97 -39.76 28.44
C GLY A 376 7.78 -38.47 28.45
N LEU A 377 7.94 -37.88 27.28
CA LEU A 377 8.64 -36.61 27.12
C LEU A 377 8.29 -35.56 28.19
N LYS A 378 9.31 -35.02 28.84
CA LYS A 378 9.11 -33.89 29.75
C LYS A 378 10.40 -33.09 29.86
N LEU A 379 10.33 -31.90 30.43
CA LEU A 379 11.57 -31.17 30.67
C LEU A 379 12.44 -31.89 31.70
N ALA A 380 13.75 -31.80 31.52
CA ALA A 380 14.68 -32.44 32.46
C ALA A 380 15.15 -31.43 33.53
N VAL A 381 14.66 -30.20 33.43
CA VAL A 381 14.93 -29.15 34.43
C VAL A 381 13.62 -28.44 34.71
N ALA A 382 13.58 -27.67 35.78
CA ALA A 382 12.43 -26.82 36.06
C ALA A 382 12.29 -25.81 34.91
N PRO A 383 11.06 -25.41 34.57
CA PRO A 383 10.87 -24.54 33.40
C PRO A 383 11.72 -23.28 33.47
N GLU A 384 11.83 -22.73 34.67
CA GLU A 384 12.56 -21.47 34.85
C GLU A 384 14.06 -21.67 34.76
N ASP A 385 14.49 -22.94 34.71
CA ASP A 385 15.92 -23.27 34.64
C ASP A 385 16.39 -23.57 33.21
N VAL A 386 15.46 -23.48 32.25
CA VAL A 386 15.85 -23.55 30.85
C VAL A 386 16.55 -22.25 30.48
N PRO A 387 17.79 -22.34 29.99
CA PRO A 387 18.51 -21.11 29.64
C PRO A 387 17.98 -20.51 28.35
N PHE A 388 17.66 -19.21 28.38
CA PHE A 388 17.26 -18.50 27.18
C PHE A 388 18.37 -17.52 26.72
N LYS A 389 18.35 -17.17 25.44
CA LYS A 389 19.38 -16.36 24.81
C LYS A 389 19.46 -15.00 25.45
N LYS A 390 20.68 -14.60 25.79
CA LYS A 390 20.94 -13.27 26.35
C LYS A 390 21.55 -12.37 25.28
N GLY A 391 21.31 -11.06 25.39
CA GLY A 391 21.82 -10.11 24.41
C GLY A 391 21.39 -10.41 22.99
N ALA A 392 20.19 -10.97 22.85
CA ALA A 392 19.70 -11.46 21.57
C ALA A 392 18.82 -10.47 20.82
N LEU A 393 18.68 -10.70 19.52
CA LEU A 393 17.68 -10.01 18.72
C LEU A 393 16.44 -10.89 18.69
N ILE A 394 16.63 -12.17 18.40
CA ILE A 394 15.55 -13.16 18.38
C ILE A 394 15.60 -13.98 19.66
N ARG A 395 14.48 -14.08 20.36
CA ARG A 395 14.45 -14.75 21.65
C ARG A 395 14.32 -16.24 21.45
N GLY A 396 14.68 -17.00 22.47
CA GLY A 396 14.50 -18.44 22.41
C GLY A 396 15.48 -19.16 23.32
N PRO A 397 15.31 -20.47 23.45
CA PRO A 397 16.25 -21.17 24.33
C PRO A 397 17.68 -21.27 23.77
N GLU A 398 18.66 -21.27 24.68
CA GLU A 398 20.03 -21.65 24.31
C GLU A 398 20.10 -23.17 24.19
N ALA A 399 19.31 -23.83 25.04
CA ALA A 399 19.21 -25.29 25.08
C ALA A 399 17.85 -25.64 25.65
N LEU A 400 17.34 -26.82 25.30
CA LEU A 400 16.05 -27.26 25.80
C LEU A 400 16.22 -28.70 26.29
N PRO A 401 16.69 -28.85 27.54
CA PRO A 401 16.95 -30.20 28.07
C PRO A 401 15.67 -30.97 28.34
N VAL A 402 15.57 -32.15 27.75
CA VAL A 402 14.38 -32.98 27.93
C VAL A 402 14.77 -34.39 28.31
N THR A 403 13.79 -35.11 28.85
CA THR A 403 14.03 -36.51 29.19
C THR A 403 12.78 -37.31 28.87
N TRP A 404 12.88 -38.63 28.92
CA TRP A 404 11.77 -39.48 28.54
C TRP A 404 12.08 -40.91 28.94
N HIS A 405 11.17 -41.83 28.62
CA HIS A 405 11.36 -43.25 28.94
C HIS A 405 12.16 -43.96 27.86
N HIS A 406 13.30 -44.51 28.25
CA HIS A 406 14.09 -45.29 27.29
C HIS A 406 13.56 -46.71 27.17
N THR B 5 -11.76 -25.71 -0.86
CA THR B 5 -12.71 -26.82 -0.85
C THR B 5 -13.60 -26.81 -2.10
N ILE B 6 -14.56 -25.89 -2.14
CA ILE B 6 -15.55 -25.84 -3.19
C ILE B 6 -15.27 -24.72 -4.21
N SER B 7 -15.41 -25.04 -5.49
CA SER B 7 -15.20 -24.01 -6.49
C SER B 7 -16.32 -22.97 -6.44
N GLN B 8 -15.90 -21.71 -6.44
CA GLN B 8 -16.78 -20.56 -6.62
C GLN B 8 -16.57 -20.13 -8.05
N ALA B 9 -17.55 -20.36 -8.92
CA ALA B 9 -17.43 -19.96 -10.32
C ALA B 9 -17.10 -18.49 -10.48
N VAL B 10 -16.28 -18.17 -11.49
CA VAL B 10 -16.05 -16.78 -11.84
C VAL B 10 -17.38 -16.19 -12.30
N PRO B 11 -17.55 -14.87 -12.13
CA PRO B 11 -18.70 -14.11 -12.59
C PRO B 11 -18.78 -14.11 -14.11
N PRO B 12 -19.98 -13.99 -14.66
CA PRO B 12 -20.10 -13.84 -16.12
C PRO B 12 -19.46 -12.52 -16.55
N VAL B 13 -18.89 -12.47 -17.75
CA VAL B 13 -18.40 -11.21 -18.28
C VAL B 13 -19.63 -10.36 -18.64
N ARG B 14 -19.73 -9.18 -18.05
CA ARG B 14 -20.83 -8.27 -18.37
C ARG B 14 -20.40 -7.22 -19.38
N ASP B 15 -21.10 -7.14 -20.50
CA ASP B 15 -20.79 -6.12 -21.50
C ASP B 15 -21.27 -4.75 -20.99
N TRP B 16 -20.43 -3.73 -21.14
CA TRP B 16 -20.76 -2.39 -20.66
C TRP B 16 -20.62 -1.37 -21.80
N PRO B 17 -21.65 -1.29 -22.66
CA PRO B 17 -21.67 -0.39 -23.81
C PRO B 17 -21.65 1.09 -23.42
N ALA B 18 -21.11 1.91 -24.30
CA ALA B 18 -21.14 3.36 -24.11
C ALA B 18 -22.57 3.86 -24.26
N VAL B 19 -23.07 4.48 -23.20
CA VAL B 19 -24.41 5.05 -23.21
C VAL B 19 -24.34 6.49 -22.72
N ASP B 20 -25.04 7.40 -23.41
CA ASP B 20 -25.18 8.77 -22.95
C ASP B 20 -26.32 8.84 -21.97
N LEU B 21 -25.99 9.15 -20.72
CA LEU B 21 -26.98 9.21 -19.67
C LEU B 21 -27.44 10.66 -19.53
N PRO B 22 -28.73 10.86 -19.21
CA PRO B 22 -29.29 12.21 -19.00
C PRO B 22 -28.80 12.82 -17.71
N GLY B 23 -28.45 14.11 -17.72
CA GLY B 23 -28.11 14.84 -16.52
C GLY B 23 -27.18 14.09 -15.57
N SER B 24 -27.60 13.92 -14.32
CA SER B 24 -26.76 13.25 -13.32
C SER B 24 -27.34 11.91 -12.93
N ASP B 25 -28.17 11.34 -13.80
CA ASP B 25 -28.74 10.02 -13.53
C ASP B 25 -27.64 8.97 -13.38
N PHE B 26 -27.82 8.06 -12.43
CA PHE B 26 -26.86 6.97 -12.24
C PHE B 26 -26.93 5.93 -13.37
N ASP B 27 -25.78 5.39 -13.74
CA ASP B 27 -25.69 4.34 -14.77
C ASP B 27 -26.38 3.05 -14.31
N PRO B 28 -27.46 2.65 -15.00
CA PRO B 28 -28.16 1.44 -14.54
C PRO B 28 -27.32 0.16 -14.71
N VAL B 29 -26.40 0.16 -15.65
CA VAL B 29 -25.52 -1.01 -15.78
C VAL B 29 -24.60 -1.07 -14.55
N LEU B 30 -24.16 0.08 -14.07
CA LEU B 30 -23.30 0.08 -12.88
C LEU B 30 -24.12 -0.38 -11.69
N THR B 31 -25.37 0.05 -11.60
CA THR B 31 -26.26 -0.45 -10.55
C THR B 31 -26.38 -1.98 -10.59
N GLU B 32 -26.61 -2.52 -11.78
CA GLU B 32 -26.66 -3.97 -11.97
C GLU B 32 -25.39 -4.64 -11.43
N LEU B 33 -24.24 -4.10 -11.82
CA LEU B 33 -22.97 -4.68 -11.38
C LEU B 33 -22.85 -4.60 -9.84
N MET B 34 -23.25 -3.47 -9.27
CA MET B 34 -23.17 -3.31 -7.82
C MET B 34 -24.02 -4.36 -7.12
N ARG B 35 -25.18 -4.67 -7.70
CA ARG B 35 -26.08 -5.65 -7.11
C ARG B 35 -25.62 -7.09 -7.30
N GLU B 36 -24.76 -7.31 -8.29
CA GLU B 36 -24.34 -8.66 -8.63
C GLU B 36 -23.47 -9.29 -7.53
N GLY B 37 -22.60 -8.48 -6.95
CA GLY B 37 -21.68 -8.96 -5.93
C GLY B 37 -20.52 -8.00 -5.88
N PRO B 38 -19.63 -8.16 -4.90
CA PRO B 38 -18.50 -7.23 -4.82
C PRO B 38 -17.52 -7.33 -5.98
N VAL B 39 -17.38 -8.51 -6.57
CA VAL B 39 -16.36 -8.66 -7.61
C VAL B 39 -17.03 -9.14 -8.89
N THR B 40 -16.91 -8.35 -9.95
CA THR B 40 -17.57 -8.72 -11.21
C THR B 40 -16.53 -8.72 -12.31
N ARG B 41 -16.93 -9.08 -13.53
CA ARG B 41 -16.06 -8.98 -14.70
C ARG B 41 -16.82 -8.20 -15.77
N ILE B 42 -16.12 -7.28 -16.43
CA ILE B 42 -16.71 -6.41 -17.43
C ILE B 42 -15.92 -6.43 -18.72
N SER B 43 -16.62 -6.13 -19.80
CA SER B 43 -16.01 -5.87 -21.10
C SER B 43 -16.56 -4.54 -21.60
N LEU B 44 -15.65 -3.61 -21.83
CA LEU B 44 -15.97 -2.26 -22.26
C LEU B 44 -15.84 -2.17 -23.78
N PRO B 45 -16.30 -1.06 -24.40
CA PRO B 45 -16.33 -0.98 -25.87
C PRO B 45 -15.00 -1.12 -26.60
N ASN B 46 -13.92 -0.66 -25.98
CA ASN B 46 -12.62 -0.65 -26.64
C ASN B 46 -11.58 -1.50 -25.92
N GLY B 47 -10.39 -1.62 -26.50
CA GLY B 47 -9.40 -2.54 -25.97
C GLY B 47 -9.94 -3.96 -26.17
N GLU B 48 -9.34 -4.91 -25.46
CA GLU B 48 -9.67 -6.32 -25.68
C GLU B 48 -9.89 -7.11 -24.40
N GLY B 49 -10.75 -8.13 -24.47
CA GLY B 49 -10.91 -9.05 -23.36
C GLY B 49 -11.78 -8.51 -22.24
N TRP B 50 -11.53 -8.96 -21.02
CA TRP B 50 -12.33 -8.52 -19.88
C TRP B 50 -11.44 -8.01 -18.75
N ALA B 51 -12.06 -7.40 -17.75
CA ALA B 51 -11.33 -6.98 -16.55
C ALA B 51 -12.20 -7.19 -15.32
N TRP B 52 -11.58 -7.43 -14.18
CA TRP B 52 -12.32 -7.44 -12.90
C TRP B 52 -12.83 -6.04 -12.58
N LEU B 53 -13.92 -5.96 -11.84
CA LEU B 53 -14.43 -4.69 -11.33
C LEU B 53 -14.74 -4.84 -9.85
N VAL B 54 -14.31 -3.89 -9.03
CA VAL B 54 -14.76 -3.89 -7.62
C VAL B 54 -15.55 -2.60 -7.38
N THR B 55 -16.60 -2.70 -6.56
CA THR B 55 -17.54 -1.61 -6.38
C THR B 55 -17.70 -1.18 -4.92
N ARG B 56 -17.35 -2.07 -3.98
CA ARG B 56 -17.44 -1.74 -2.55
C ARG B 56 -16.29 -0.86 -2.11
N HIS B 57 -16.57 0.03 -1.16
CA HIS B 57 -15.60 1.02 -0.68
C HIS B 57 -14.29 0.38 -0.17
N ASP B 58 -14.42 -0.69 0.62
CA ASP B 58 -13.22 -1.33 1.16
C ASP B 58 -12.37 -1.97 0.07
N ASP B 59 -13.02 -2.62 -0.89
CA ASP B 59 -12.29 -3.25 -1.99
C ASP B 59 -11.65 -2.18 -2.89
N VAL B 60 -12.33 -1.05 -3.02
CA VAL B 60 -11.79 0.03 -3.85
C VAL B 60 -10.51 0.62 -3.20
N ARG B 61 -10.55 0.82 -1.88
CA ARG B 61 -9.35 1.25 -1.18
C ARG B 61 -8.22 0.22 -1.28
N LEU B 62 -8.58 -1.07 -1.19
CA LEU B 62 -7.56 -2.11 -1.31
C LEU B 62 -6.88 -1.99 -2.68
N VAL B 63 -7.68 -2.02 -3.73
CA VAL B 63 -7.10 -2.10 -5.08
C VAL B 63 -6.30 -0.86 -5.45
N THR B 64 -6.73 0.32 -4.98
CA THR B 64 -6.03 1.55 -5.35
C THR B 64 -4.83 1.89 -4.44
N ASN B 65 -4.73 1.29 -3.26
CA ASN B 65 -3.62 1.64 -2.36
C ASN B 65 -2.55 0.53 -2.19
N ASP B 66 -2.90 -0.69 -2.55
CA ASP B 66 -2.00 -1.82 -2.30
C ASP B 66 -0.90 -1.95 -3.35
N PRO B 67 0.35 -2.16 -2.90
CA PRO B 67 1.50 -2.29 -3.80
C PRO B 67 1.41 -3.45 -4.78
N ARG B 68 0.55 -4.43 -4.50
CA ARG B 68 0.39 -5.60 -5.36
C ARG B 68 -0.33 -5.30 -6.67
N PHE B 69 -0.80 -4.07 -6.84
CA PHE B 69 -1.45 -3.65 -8.09
C PHE B 69 -0.64 -2.54 -8.75
N GLY B 70 -0.45 -2.63 -10.07
CA GLY B 70 0.44 -1.70 -10.75
C GLY B 70 -0.19 -0.99 -11.93
N ARG B 71 0.30 0.22 -12.20
CA ARG B 71 -0.21 0.99 -13.34
C ARG B 71 0.63 0.82 -14.61
N GLU B 72 1.94 0.72 -14.46
CA GLU B 72 2.84 0.60 -15.62
C GLU B 72 2.51 -0.64 -16.45
N ALA B 73 2.18 -1.73 -15.76
CA ALA B 73 1.85 -2.98 -16.43
C ALA B 73 0.60 -2.87 -17.33
N VAL B 74 -0.23 -1.86 -17.10
CA VAL B 74 -1.42 -1.63 -17.93
C VAL B 74 -0.99 -1.39 -19.38
N MET B 75 0.23 -0.92 -19.55
CA MET B 75 0.65 -0.58 -20.90
C MET B 75 1.23 -1.79 -21.64
N ASP B 76 1.22 -2.97 -21.02
CA ASP B 76 1.78 -4.16 -21.68
C ASP B 76 0.81 -4.87 -22.64
N ARG B 77 -0.46 -4.45 -22.64
CA ARG B 77 -1.45 -5.02 -23.56
C ARG B 77 -2.64 -4.08 -23.72
N GLN B 78 -3.64 -4.51 -24.47
CA GLN B 78 -4.83 -3.70 -24.73
C GLN B 78 -5.97 -4.05 -23.77
N VAL B 79 -5.85 -3.58 -22.53
CA VAL B 79 -6.87 -3.81 -21.53
C VAL B 79 -8.19 -3.21 -22.00
N THR B 80 -9.29 -3.95 -21.80
CA THR B 80 -10.62 -3.47 -22.15
C THR B 80 -10.82 -2.11 -21.49
N ARG B 81 -11.39 -1.18 -22.25
CA ARG B 81 -11.53 0.20 -21.79
C ARG B 81 -12.68 0.94 -22.46
N LEU B 82 -13.11 2.04 -21.86
CA LEU B 82 -14.18 2.85 -22.43
C LEU B 82 -13.68 3.73 -23.56
N ALA B 83 -12.62 4.50 -23.27
CA ALA B 83 -12.08 5.46 -24.22
C ALA B 83 -11.65 4.80 -25.51
N PRO B 84 -12.06 5.38 -26.65
CA PRO B 84 -11.64 4.85 -27.96
C PRO B 84 -10.13 4.86 -28.11
N HIS B 85 -9.49 5.94 -27.67
CA HIS B 85 -8.06 6.05 -27.87
C HIS B 85 -7.29 6.03 -26.55
N PHE B 86 -6.12 5.42 -26.59
CA PHE B 86 -5.30 5.22 -25.40
C PHE B 86 -3.87 4.88 -25.80
N ARG B 87 -2.92 5.55 -25.17
CA ARG B 87 -1.48 5.34 -25.47
C ARG B 87 -0.44 5.86 -24.50
N PRO B 88 0.76 5.32 -24.60
CA PRO B 88 1.79 5.74 -23.65
C PRO B 88 2.09 7.22 -23.72
N ALA B 89 2.62 7.92 -22.69
CA ALA B 89 3.34 7.54 -21.43
C ALA B 89 4.84 7.69 -21.66
N ARG B 90 5.63 6.83 -21.01
CA ARG B 90 7.07 7.06 -20.89
C ARG B 90 7.08 8.45 -20.25
N GLY B 91 6.23 8.54 -19.23
CA GLY B 91 5.92 9.75 -18.50
C GLY B 91 4.45 9.55 -18.15
N ALA B 92 3.66 10.62 -18.17
CA ALA B 92 2.23 10.57 -17.85
C ALA B 92 2.06 10.00 -16.45
N VAL B 93 1.76 10.86 -15.49
CA VAL B 93 1.78 10.43 -14.09
C VAL B 93 0.82 9.26 -13.82
N GLY B 94 -0.32 9.21 -14.52
CA GLY B 94 -1.29 8.15 -14.33
C GLY B 94 -0.74 6.76 -14.62
N PHE B 95 0.29 6.69 -15.47
CA PHE B 95 0.82 5.40 -15.90
C PHE B 95 2.12 5.01 -15.22
N LEU B 96 2.52 5.78 -14.21
CA LEU B 96 3.73 5.50 -13.46
C LEU B 96 3.47 4.80 -12.14
N ASP B 97 4.44 4.00 -11.72
CA ASP B 97 4.45 3.38 -10.41
C ASP B 97 5.65 3.98 -9.71
N PRO B 98 5.74 3.84 -8.38
CA PRO B 98 6.98 4.24 -7.72
C PRO B 98 8.17 3.52 -8.34
N PRO B 99 9.37 4.11 -8.29
CA PRO B 99 9.72 5.41 -7.71
C PRO B 99 9.32 6.59 -8.59
N ASP B 100 9.17 6.38 -9.90
CA ASP B 100 9.05 7.49 -10.84
C ASP B 100 7.78 8.30 -10.55
N HIS B 101 6.72 7.58 -10.20
CA HIS B 101 5.46 8.22 -9.87
C HIS B 101 5.67 9.19 -8.74
N THR B 102 6.37 8.69 -7.71
CA THR B 102 6.64 9.45 -6.52
C THR B 102 7.52 10.67 -6.80
N ARG B 103 8.55 10.52 -7.62
CA ARG B 103 9.38 11.67 -7.99
C ARG B 103 8.53 12.79 -8.55
N LEU B 104 7.67 12.41 -9.51
CA LEU B 104 6.85 13.42 -10.17
C LEU B 104 5.83 14.07 -9.24
N ARG B 105 5.10 13.27 -8.46
CA ARG B 105 4.09 13.82 -7.57
C ARG B 105 4.73 14.69 -6.48
N ARG B 106 5.85 14.20 -5.94
CA ARG B 106 6.55 14.94 -4.90
C ARG B 106 6.99 16.30 -5.39
N SER B 107 7.43 16.38 -6.66
CA SER B 107 7.94 17.66 -7.18
C SER B 107 6.94 18.84 -7.07
N VAL B 108 5.64 18.56 -7.12
CA VAL B 108 4.62 19.61 -7.07
C VAL B 108 3.64 19.49 -5.90
N ALA B 109 3.80 18.46 -5.07
CA ALA B 109 2.83 18.17 -4.01
C ALA B 109 2.51 19.39 -3.13
N ALA B 110 3.54 20.14 -2.77
CA ALA B 110 3.38 21.27 -1.85
C ALA B 110 2.38 22.32 -2.31
N ALA B 111 2.22 22.46 -3.63
CA ALA B 111 1.30 23.47 -4.16
C ALA B 111 -0.17 23.03 -4.11
N PHE B 112 -0.41 21.73 -3.92
CA PHE B 112 -1.77 21.18 -4.03
C PHE B 112 -2.36 20.73 -2.71
N THR B 113 -1.59 20.87 -1.63
CA THR B 113 -2.13 20.63 -0.31
C THR B 113 -3.18 21.69 0.02
N ALA B 114 -3.92 21.48 1.11
CA ALA B 114 -4.91 22.46 1.54
C ALA B 114 -4.22 23.82 1.75
N ARG B 115 -3.03 23.78 2.35
CA ARG B 115 -2.32 25.01 2.63
C ARG B 115 -1.70 25.58 1.35
N GLY B 116 -1.28 24.71 0.44
CA GLY B 116 -0.74 25.17 -0.83
C GLY B 116 -1.80 25.90 -1.65
N VAL B 117 -3.00 25.32 -1.76
CA VAL B 117 -4.01 25.98 -2.58
C VAL B 117 -4.59 27.21 -1.89
N GLU B 118 -4.58 27.26 -0.56
CA GLU B 118 -5.03 28.48 0.12
C GLU B 118 -4.25 29.73 -0.33
N ARG B 119 -3.07 29.53 -0.90
CA ARG B 119 -2.24 30.66 -1.33
C ARG B 119 -2.92 31.47 -2.45
N VAL B 120 -3.79 30.83 -3.24
CA VAL B 120 -4.45 31.55 -4.33
C VAL B 120 -5.93 31.85 -4.07
N ARG B 121 -6.40 31.67 -2.84
CA ARG B 121 -7.84 31.80 -2.60
C ARG B 121 -8.36 33.23 -2.83
N GLU B 122 -7.69 34.22 -2.26
CA GLU B 122 -8.15 35.60 -2.41
C GLU B 122 -8.07 36.09 -3.86
N ARG B 123 -6.96 35.78 -4.53
CA ARG B 123 -6.81 36.17 -5.94
C ARG B 123 -7.90 35.52 -6.75
N SER B 124 -8.15 34.24 -6.48
CA SER B 124 -9.19 33.48 -7.18
C SER B 124 -10.57 34.06 -6.90
N ARG B 125 -10.82 34.47 -5.66
CA ARG B 125 -12.12 35.02 -5.32
C ARG B 125 -12.32 36.31 -6.12
N GLY B 126 -11.24 37.09 -6.25
CA GLY B 126 -11.29 38.31 -7.03
C GLY B 126 -11.57 38.07 -8.50
N MET B 127 -10.86 37.10 -9.07
CA MET B 127 -11.06 36.76 -10.48
C MET B 127 -12.51 36.32 -10.74
N LEU B 128 -13.05 35.52 -9.81
CA LEU B 128 -14.45 35.10 -9.92
C LEU B 128 -15.39 36.30 -9.84
N ASP B 129 -15.13 37.24 -8.94
CA ASP B 129 -15.97 38.44 -8.88
C ASP B 129 -15.92 39.21 -10.20
N GLU B 130 -14.78 39.17 -10.87
CA GLU B 130 -14.70 39.84 -12.18
C GLU B 130 -15.61 39.13 -13.20
N LEU B 131 -15.53 37.81 -13.23
CA LEU B 131 -16.36 37.08 -14.18
C LEU B 131 -17.84 37.30 -13.92
N VAL B 132 -18.22 37.25 -12.64
CA VAL B 132 -19.61 37.44 -12.27
C VAL B 132 -20.04 38.89 -12.52
N ASP B 133 -19.16 39.85 -12.25
CA ASP B 133 -19.43 41.26 -12.58
C ASP B 133 -19.81 41.38 -14.05
N ALA B 134 -19.02 40.74 -14.90
CA ALA B 134 -19.23 40.87 -16.35
C ALA B 134 -20.56 40.24 -16.74
N MET B 135 -20.86 39.10 -16.13
CA MET B 135 -22.09 38.39 -16.45
C MET B 135 -23.30 39.24 -16.05
N LEU B 136 -23.24 39.84 -14.86
CA LEU B 136 -24.34 40.69 -14.38
C LEU B 136 -24.52 41.89 -15.25
N ARG B 137 -23.40 42.46 -15.68
CA ARG B 137 -23.44 43.67 -16.50
C ARG B 137 -24.08 43.37 -17.84
N ALA B 138 -23.72 42.23 -18.42
CA ALA B 138 -24.29 41.83 -19.71
C ALA B 138 -25.80 41.56 -19.61
N GLY B 139 -26.25 41.13 -18.43
CA GLY B 139 -27.67 40.87 -18.20
C GLY B 139 -28.08 39.48 -18.60
N PRO B 140 -29.24 39.01 -18.11
CA PRO B 140 -29.74 37.66 -18.37
C PRO B 140 -30.33 37.51 -19.78
N PRO B 141 -30.40 36.28 -20.30
CA PRO B 141 -29.90 35.06 -19.66
C PRO B 141 -28.43 34.85 -19.99
N ALA B 142 -27.83 33.82 -19.42
CA ALA B 142 -26.44 33.53 -19.71
C ALA B 142 -26.24 32.05 -19.66
N ASP B 143 -25.20 31.61 -20.33
CA ASP B 143 -24.75 30.25 -20.20
C ASP B 143 -23.72 30.28 -19.09
N LEU B 144 -24.08 29.76 -17.91
CA LEU B 144 -23.20 29.84 -16.76
C LEU B 144 -21.86 29.14 -17.00
N THR B 145 -21.90 28.09 -17.81
CA THR B 145 -20.66 27.40 -18.17
C THR B 145 -19.72 28.31 -18.95
N GLU B 146 -20.23 28.89 -20.03
CA GLU B 146 -19.40 29.76 -20.85
C GLU B 146 -18.97 31.00 -20.07
N ALA B 147 -19.89 31.54 -19.25
CA ALA B 147 -19.64 32.80 -18.57
C ALA B 147 -18.75 32.66 -17.34
N VAL B 148 -18.82 31.53 -16.65
CA VAL B 148 -18.18 31.41 -15.35
C VAL B 148 -17.48 30.06 -15.17
N LEU B 149 -18.22 28.95 -15.29
CA LEU B 149 -17.65 27.66 -14.89
C LEU B 149 -16.48 27.19 -15.77
N SER B 150 -16.45 27.64 -17.02
CA SER B 150 -15.35 27.30 -17.91
C SER B 150 -14.12 28.18 -17.69
N PRO B 151 -14.27 29.53 -17.71
CA PRO B 151 -13.04 30.34 -17.57
C PRO B 151 -12.44 30.30 -16.16
N PHE B 152 -13.26 30.15 -15.13
CA PHE B 152 -12.72 30.30 -13.78
C PHE B 152 -11.65 29.25 -13.41
N PRO B 153 -11.89 27.95 -13.67
CA PRO B 153 -10.83 27.00 -13.29
C PRO B 153 -9.53 27.25 -14.06
N ILE B 154 -9.63 27.76 -15.28
CA ILE B 154 -8.42 28.08 -16.04
C ILE B 154 -7.68 29.27 -15.41
N ALA B 155 -8.43 30.28 -14.98
CA ALA B 155 -7.82 31.44 -14.32
C ALA B 155 -7.08 30.97 -13.07
N VAL B 156 -7.76 30.10 -12.32
CA VAL B 156 -7.22 29.65 -11.05
C VAL B 156 -5.97 28.83 -11.26
N ILE B 157 -6.01 27.88 -12.20
CA ILE B 157 -4.81 27.08 -12.41
C ILE B 157 -3.68 27.94 -12.98
N CYS B 158 -3.97 28.94 -13.80
CA CYS B 158 -2.92 29.87 -14.23
C CYS B 158 -2.22 30.51 -13.05
N GLU B 159 -3.01 30.97 -12.07
CA GLU B 159 -2.43 31.58 -10.88
C GLU B 159 -1.61 30.57 -10.06
N LEU B 160 -2.13 29.36 -9.88
CA LEU B 160 -1.41 28.35 -9.11
C LEU B 160 -0.11 27.90 -9.81
N MET B 161 -0.15 27.82 -11.13
CA MET B 161 1.00 27.39 -11.93
C MET B 161 2.08 28.46 -12.03
N GLY B 162 1.74 29.71 -11.78
CA GLY B 162 2.68 30.81 -11.96
C GLY B 162 2.90 31.20 -13.41
N VAL B 163 1.86 31.11 -14.22
CA VAL B 163 1.93 31.59 -15.59
C VAL B 163 1.90 33.11 -15.59
N PRO B 164 2.93 33.75 -16.18
CA PRO B 164 2.97 35.21 -16.35
C PRO B 164 1.67 35.79 -16.90
N ALA B 165 1.21 36.89 -16.31
CA ALA B 165 -0.05 37.52 -16.70
C ALA B 165 -0.19 37.68 -18.22
N THR B 166 0.87 38.15 -18.87
CA THR B 166 0.82 38.47 -20.30
C THR B 166 0.69 37.23 -21.19
N ASP B 167 0.73 36.04 -20.59
CA ASP B 167 0.64 34.80 -21.34
C ASP B 167 -0.63 34.01 -21.03
N ARG B 168 -1.43 34.51 -20.10
CA ARG B 168 -2.57 33.73 -19.63
C ARG B 168 -3.70 33.64 -20.66
N HIS B 169 -3.79 34.63 -21.54
CA HIS B 169 -4.81 34.60 -22.58
C HIS B 169 -4.46 33.49 -23.58
N SER B 170 -3.17 33.39 -23.89
CA SER B 170 -2.68 32.33 -24.75
C SER B 170 -2.92 31.00 -24.07
N MET B 171 -2.72 30.95 -22.76
CA MET B 171 -3.01 29.74 -22.02
C MET B 171 -4.48 29.31 -22.14
N HIS B 172 -5.39 30.26 -21.95
CA HIS B 172 -6.83 29.97 -22.05
C HIS B 172 -7.14 29.38 -23.41
N THR B 173 -6.65 30.06 -24.46
CA THR B 173 -6.95 29.62 -25.82
C THR B 173 -6.41 28.20 -26.05
N TRP B 174 -5.16 27.94 -25.65
CA TRP B 174 -4.56 26.61 -25.81
C TRP B 174 -5.37 25.52 -25.11
N THR B 175 -5.73 25.77 -23.85
CA THR B 175 -6.54 24.82 -23.09
C THR B 175 -7.84 24.58 -23.83
N GLN B 176 -8.50 25.66 -24.25
CA GLN B 176 -9.77 25.49 -24.98
C GLN B 176 -9.60 24.70 -26.30
N LEU B 177 -8.50 24.86 -27.03
CA LEU B 177 -8.34 24.12 -28.29
C LEU B 177 -8.04 22.65 -28.00
N ILE B 178 -7.28 22.42 -26.93
CA ILE B 178 -6.87 21.07 -26.53
C ILE B 178 -7.98 20.15 -26.01
N LEU B 179 -8.03 18.95 -26.58
CA LEU B 179 -8.99 17.90 -26.23
C LEU B 179 -10.46 18.28 -26.39
N SER B 180 -10.73 19.48 -26.88
CA SER B 180 -12.11 19.91 -27.03
C SER B 180 -12.64 19.29 -28.31
N SER B 181 -13.62 19.94 -28.92
CA SER B 181 -13.98 19.64 -30.30
C SER B 181 -14.24 20.96 -31.06
N SER B 182 -13.15 21.53 -31.56
CA SER B 182 -13.13 22.67 -32.47
C SER B 182 -12.66 22.10 -33.80
N HIS B 183 -13.52 21.26 -34.38
CA HIS B 183 -13.28 20.57 -35.65
C HIS B 183 -12.19 19.49 -35.74
N GLY B 184 -12.43 18.31 -35.16
CA GLY B 184 -11.52 17.20 -35.38
C GLY B 184 -10.37 16.83 -34.45
N ALA B 185 -9.79 15.66 -34.74
CA ALA B 185 -8.61 15.13 -34.05
C ALA B 185 -7.57 16.21 -33.82
N GLU B 186 -7.11 16.80 -34.90
CA GLU B 186 -6.07 17.80 -34.76
C GLU B 186 -6.79 19.15 -34.42
N VAL B 187 -6.10 20.27 -34.54
CA VAL B 187 -6.33 21.57 -33.92
C VAL B 187 -5.82 21.32 -32.48
N SER B 188 -6.31 20.24 -31.87
CA SER B 188 -5.83 19.74 -30.58
C SER B 188 -4.31 19.56 -30.44
N GLU B 189 -3.67 18.84 -31.37
CA GLU B 189 -2.26 18.48 -31.23
C GLU B 189 -1.34 19.67 -31.44
N ARG B 190 -1.70 20.64 -32.29
CA ARG B 190 -0.86 21.82 -32.40
C ARG B 190 -0.97 22.71 -31.17
N ALA B 191 -2.17 22.80 -30.61
CA ALA B 191 -2.34 23.56 -29.38
C ALA B 191 -1.53 22.86 -28.30
N LYS B 192 -1.52 21.54 -28.32
CA LYS B 192 -0.76 20.79 -27.33
C LYS B 192 0.75 21.00 -27.55
N ASN B 193 1.19 21.04 -28.81
CA ASN B 193 2.60 21.30 -29.13
C ASN B 193 3.01 22.69 -28.65
N GLU B 194 2.15 23.67 -28.87
CA GLU B 194 2.39 25.03 -28.40
C GLU B 194 2.45 25.12 -26.89
N MET B 195 1.50 24.48 -26.19
CA MET B 195 1.49 24.55 -24.73
C MET B 195 2.73 23.85 -24.17
N ASN B 196 3.08 22.73 -24.78
CA ASN B 196 4.29 21.99 -24.42
C ASN B 196 5.53 22.85 -24.58
N ALA B 197 5.65 23.51 -25.73
CA ALA B 197 6.80 24.37 -26.00
C ALA B 197 6.84 25.51 -24.98
N TYR B 198 5.67 26.08 -24.68
CA TYR B 198 5.58 27.17 -23.72
C TYR B 198 6.11 26.74 -22.36
N PHE B 199 5.56 25.65 -21.82
CA PHE B 199 5.98 25.18 -20.50
C PHE B 199 7.44 24.74 -20.52
N SER B 200 7.91 24.21 -21.65
CA SER B 200 9.31 23.80 -21.76
C SER B 200 10.19 25.03 -21.54
N ASP B 201 9.79 26.14 -22.16
CA ASP B 201 10.56 27.37 -22.02
C ASP B 201 10.48 27.91 -20.59
N LEU B 202 9.26 28.07 -20.07
CA LEU B 202 9.06 28.64 -18.73
C LEU B 202 9.79 27.84 -17.64
N ILE B 203 9.54 26.54 -17.62
CA ILE B 203 10.13 25.65 -16.64
C ILE B 203 11.66 25.64 -16.78
N GLY B 204 12.14 25.59 -18.03
CA GLY B 204 13.58 25.68 -18.27
C GLY B 204 14.16 26.94 -17.66
N LEU B 205 13.53 28.08 -17.94
CA LEU B 205 14.00 29.37 -17.41
C LEU B 205 13.94 29.43 -15.90
N ARG B 206 13.10 28.59 -15.29
CA ARG B 206 12.98 28.63 -13.83
C ARG B 206 13.69 27.45 -13.17
N SER B 207 14.75 26.97 -13.82
CA SER B 207 15.53 25.82 -13.33
C SER B 207 16.17 26.08 -11.95
N ASP B 208 16.39 27.33 -11.62
CA ASP B 208 16.96 27.64 -10.31
C ASP B 208 16.09 28.65 -9.59
N SER B 209 14.78 28.42 -9.63
CA SER B 209 13.83 29.27 -8.92
C SER B 209 13.52 28.71 -7.54
N ALA B 210 13.30 29.59 -6.58
CA ALA B 210 12.86 29.16 -5.25
C ALA B 210 11.39 29.51 -5.07
N GLY B 211 10.74 29.86 -6.17
CA GLY B 211 9.33 30.20 -6.14
C GLY B 211 8.48 29.03 -5.70
N GLU B 212 7.24 29.29 -5.31
CA GLU B 212 6.38 28.21 -4.82
C GLU B 212 5.21 27.90 -5.74
N ASP B 213 5.10 28.65 -6.84
CA ASP B 213 4.15 28.29 -7.89
C ASP B 213 4.60 26.98 -8.54
N VAL B 214 3.70 26.32 -9.25
CA VAL B 214 3.98 24.98 -9.76
C VAL B 214 5.10 24.93 -10.83
N THR B 215 5.13 25.88 -11.74
CA THR B 215 6.18 25.83 -12.76
C THR B 215 7.55 26.12 -12.13
N SER B 216 7.59 26.94 -11.09
CA SER B 216 8.84 27.14 -10.34
C SER B 216 9.26 25.86 -9.63
N LEU B 217 8.32 25.17 -8.99
CA LEU B 217 8.62 23.89 -8.33
C LEU B 217 9.14 22.85 -9.33
N LEU B 218 8.49 22.78 -10.49
CA LEU B 218 8.92 21.87 -11.55
C LEU B 218 10.33 22.24 -12.01
N GLY B 219 10.55 23.52 -12.26
CA GLY B 219 11.85 24.01 -12.69
C GLY B 219 12.95 23.64 -11.71
N ALA B 220 12.67 23.81 -10.42
CA ALA B 220 13.63 23.49 -9.38
C ALA B 220 13.92 21.98 -9.35
N ALA B 221 12.86 21.18 -9.41
CA ALA B 221 13.04 19.71 -9.40
C ALA B 221 13.88 19.25 -10.58
N VAL B 222 13.68 19.89 -11.73
CA VAL B 222 14.50 19.61 -12.90
C VAL B 222 15.94 20.01 -12.61
N GLY B 223 16.11 21.16 -11.98
CA GLY B 223 17.42 21.64 -11.58
C GLY B 223 18.16 20.71 -10.64
N ARG B 224 17.41 20.02 -9.78
CA ARG B 224 18.00 19.10 -8.82
C ARG B 224 18.01 17.67 -9.37
N ASP B 225 17.73 17.53 -10.66
CA ASP B 225 17.73 16.23 -11.34
C ASP B 225 16.78 15.23 -10.69
N GLU B 226 15.69 15.72 -10.10
CA GLU B 226 14.68 14.84 -9.53
C GLU B 226 13.76 14.34 -10.62
N ILE B 227 13.57 15.18 -11.63
CA ILE B 227 12.75 14.84 -12.77
C ILE B 227 13.39 15.41 -14.02
N THR B 228 13.04 14.86 -15.18
CA THR B 228 13.55 15.40 -16.42
C THR B 228 12.69 16.55 -16.90
N LEU B 229 13.21 17.33 -17.83
CA LEU B 229 12.44 18.45 -18.39
C LEU B 229 11.19 17.92 -19.09
N SER B 230 11.32 16.78 -19.77
CA SER B 230 10.18 16.20 -20.48
C SER B 230 9.07 15.75 -19.53
N GLU B 231 9.47 15.14 -18.42
CA GLU B 231 8.53 14.71 -17.38
C GLU B 231 7.80 15.92 -16.81
N ALA B 232 8.58 16.95 -16.50
CA ALA B 232 8.05 18.18 -15.92
C ALA B 232 7.05 18.84 -16.86
N VAL B 233 7.40 18.94 -18.14
CA VAL B 233 6.50 19.57 -19.11
C VAL B 233 5.20 18.78 -19.30
N GLY B 234 5.31 17.45 -19.40
CA GLY B 234 4.13 16.61 -19.50
C GLY B 234 3.19 16.80 -18.31
N LEU B 235 3.78 16.83 -17.12
CA LEU B 235 2.97 17.00 -15.92
C LEU B 235 2.33 18.39 -15.90
N ALA B 236 3.11 19.41 -16.25
CA ALA B 236 2.62 20.77 -16.31
C ALA B 236 1.40 20.89 -17.22
N VAL B 237 1.49 20.33 -18.42
CA VAL B 237 0.36 20.35 -19.35
C VAL B 237 -0.88 19.64 -18.76
N LEU B 238 -0.67 18.45 -18.18
CA LEU B 238 -1.76 17.75 -17.52
C LEU B 238 -2.49 18.56 -16.44
N LEU B 239 -1.70 19.19 -15.56
CA LEU B 239 -2.25 20.00 -14.48
C LEU B 239 -2.99 21.22 -15.04
N GLN B 240 -2.36 21.85 -16.01
CA GLN B 240 -2.92 23.05 -16.62
C GLN B 240 -4.26 22.80 -17.30
N ILE B 241 -4.43 21.64 -17.95
CA ILE B 241 -5.73 21.39 -18.59
C ILE B 241 -6.69 20.63 -17.68
N GLY B 242 -6.24 20.29 -16.47
CA GLY B 242 -7.10 19.57 -15.53
C GLY B 242 -8.35 20.24 -14.95
N GLY B 243 -8.47 21.57 -15.01
CA GLY B 243 -9.61 22.29 -14.43
C GLY B 243 -10.96 22.04 -15.10
N GLU B 244 -10.93 21.52 -16.31
CA GLU B 244 -12.16 21.10 -17.00
C GLU B 244 -12.94 20.12 -16.16
N ALA B 245 -12.22 19.38 -15.32
CA ALA B 245 -12.91 18.48 -14.43
C ALA B 245 -13.83 19.31 -13.52
N VAL B 246 -13.32 20.46 -13.05
CA VAL B 246 -14.12 21.30 -12.16
C VAL B 246 -15.24 21.95 -12.96
N THR B 247 -14.96 22.36 -14.19
CA THR B 247 -16.03 22.90 -15.03
C THR B 247 -17.21 21.91 -15.13
N ASN B 248 -16.91 20.66 -15.44
CA ASN B 248 -17.96 19.66 -15.59
C ASN B 248 -18.65 19.35 -14.26
N ASN B 249 -17.84 19.13 -13.24
CA ASN B 249 -18.37 18.73 -11.96
C ASN B 249 -19.19 19.83 -11.30
N SER B 250 -18.66 21.06 -11.27
CA SER B 250 -19.42 22.20 -10.77
C SER B 250 -20.65 22.46 -11.63
N GLY B 251 -20.57 22.15 -12.92
CA GLY B 251 -21.75 22.21 -13.78
C GLY B 251 -22.84 21.26 -13.26
N GLN B 252 -22.46 20.04 -12.87
CA GLN B 252 -23.44 19.16 -12.26
C GLN B 252 -23.90 19.71 -10.90
N MET B 253 -22.98 20.29 -10.12
CA MET B 253 -23.36 20.91 -8.86
C MET B 253 -24.48 21.94 -9.03
N PHE B 254 -24.31 22.86 -9.98
CA PHE B 254 -25.33 23.90 -10.14
C PHE B 254 -26.57 23.39 -10.82
N HIS B 255 -26.42 22.40 -11.70
CA HIS B 255 -27.60 21.76 -12.28
C HIS B 255 -28.48 21.18 -11.17
N LEU B 256 -27.85 20.54 -10.20
CA LEU B 256 -28.57 20.02 -9.02
C LEU B 256 -29.13 21.14 -8.15
N LEU B 257 -28.30 22.12 -7.82
CA LEU B 257 -28.76 23.22 -6.97
C LEU B 257 -29.95 23.99 -7.55
N LEU B 258 -30.02 24.06 -8.87
CA LEU B 258 -31.08 24.82 -9.52
C LEU B 258 -32.30 23.95 -9.82
N SER B 259 -32.09 22.68 -10.11
CA SER B 259 -33.21 21.81 -10.41
C SER B 259 -33.86 21.27 -9.14
N ARG B 260 -33.09 21.27 -8.04
CA ARG B 260 -33.65 20.87 -6.74
C ARG B 260 -33.50 22.03 -5.79
N PRO B 261 -34.42 23.01 -5.91
CA PRO B 261 -34.30 24.29 -5.22
C PRO B 261 -34.08 24.17 -3.72
N GLU B 262 -34.59 23.13 -3.06
CA GLU B 262 -34.36 22.98 -1.61
C GLU B 262 -32.87 22.95 -1.27
N LEU B 263 -32.05 22.42 -2.18
CA LEU B 263 -30.61 22.36 -1.91
C LEU B 263 -30.02 23.78 -1.90
N ALA B 264 -30.36 24.56 -2.92
CA ALA B 264 -29.91 25.94 -2.99
C ALA B 264 -30.43 26.73 -1.78
N GLU B 265 -31.68 26.50 -1.43
CA GLU B 265 -32.30 27.21 -0.32
C GLU B 265 -31.57 26.91 0.98
N ARG B 266 -31.14 25.67 1.16
CA ARG B 266 -30.37 25.30 2.36
C ARG B 266 -29.02 26.03 2.36
N LEU B 267 -28.38 26.11 1.21
CA LEU B 267 -27.07 26.75 1.20
C LEU B 267 -27.15 28.28 1.37
N ARG B 268 -28.30 28.87 1.03
CA ARG B 268 -28.50 30.30 1.31
C ARG B 268 -28.88 30.58 2.77
N SER B 269 -29.67 29.68 3.35
CA SER B 269 -30.11 29.84 4.73
C SER B 269 -29.02 29.52 5.74
N GLU B 270 -28.13 28.58 5.40
CA GLU B 270 -27.08 28.16 6.32
C GLU B 270 -25.75 28.08 5.55
N PRO B 271 -25.14 29.26 5.29
CA PRO B 271 -23.90 29.36 4.51
C PRO B 271 -22.77 28.56 5.18
N GLU B 272 -22.86 28.41 6.51
CA GLU B 272 -21.84 27.71 7.27
C GLU B 272 -21.68 26.27 6.80
N ILE B 273 -22.72 25.70 6.21
CA ILE B 273 -22.70 24.29 5.82
C ILE B 273 -22.16 24.10 4.40
N ARG B 274 -21.80 25.18 3.72
CA ARG B 274 -21.38 25.07 2.33
C ARG B 274 -20.18 24.13 2.11
N PRO B 275 -19.16 24.17 2.98
CA PRO B 275 -18.07 23.22 2.72
C PRO B 275 -18.50 21.76 2.78
N ARG B 276 -19.24 21.39 3.83
CA ARG B 276 -19.72 20.02 3.96
C ARG B 276 -20.70 19.68 2.83
N ALA B 277 -21.55 20.65 2.46
CA ALA B 277 -22.48 20.41 1.36
C ALA B 277 -21.71 20.13 0.08
N ILE B 278 -20.62 20.87 -0.11
CA ILE B 278 -19.86 20.69 -1.33
C ILE B 278 -19.26 19.27 -1.30
N ASP B 279 -18.79 18.82 -0.12
CA ASP B 279 -18.19 17.49 -0.12
C ASP B 279 -19.25 16.46 -0.44
N GLU B 280 -20.48 16.74 0.02
CA GLU B 280 -21.57 15.79 -0.22
C GLU B 280 -21.89 15.78 -1.71
N LEU B 281 -21.89 16.96 -2.31
CA LEU B 281 -22.16 17.00 -3.74
C LEU B 281 -21.05 16.21 -4.45
N LEU B 282 -19.82 16.42 -4.01
CA LEU B 282 -18.72 15.72 -4.66
C LEU B 282 -18.87 14.22 -4.51
N ARG B 283 -19.38 13.79 -3.35
CA ARG B 283 -19.59 12.35 -3.14
C ARG B 283 -20.61 11.84 -4.14
N TRP B 284 -21.70 12.58 -4.29
CA TRP B 284 -22.87 12.05 -4.99
C TRP B 284 -22.81 12.15 -6.52
N ILE B 285 -22.27 13.26 -7.01
CA ILE B 285 -22.25 13.53 -8.46
C ILE B 285 -21.51 12.43 -9.22
N PRO B 286 -22.16 11.83 -10.21
CA PRO B 286 -21.49 10.84 -11.06
C PRO B 286 -20.52 11.52 -12.02
N HIS B 287 -19.27 11.65 -11.59
CA HIS B 287 -18.30 12.49 -12.28
C HIS B 287 -17.96 12.00 -13.70
N ARG B 288 -17.88 10.68 -13.87
CA ARG B 288 -17.41 10.10 -15.12
C ARG B 288 -18.40 9.06 -15.67
N ASN B 289 -18.21 8.71 -16.95
CA ASN B 289 -18.89 7.57 -17.56
C ASN B 289 -18.08 6.30 -17.31
N ALA B 290 -18.79 5.24 -16.93
CA ALA B 290 -18.17 3.93 -16.65
C ALA B 290 -16.94 4.06 -15.74
N VAL B 291 -15.83 3.44 -16.15
CA VAL B 291 -14.61 3.48 -15.34
C VAL B 291 -13.40 3.95 -16.15
N GLY B 292 -12.33 4.37 -15.46
CA GLY B 292 -11.25 5.05 -16.14
C GLY B 292 -10.05 4.19 -16.50
N LEU B 293 -9.08 4.16 -15.60
CA LEU B 293 -7.82 3.48 -15.86
C LEU B 293 -7.63 2.34 -14.87
N SER B 294 -7.42 1.13 -15.40
CA SER B 294 -7.27 -0.04 -14.53
C SER B 294 -5.90 -0.11 -13.84
N ARG B 295 -5.71 -1.20 -13.11
CA ARG B 295 -4.42 -1.56 -12.53
C ARG B 295 -4.23 -3.05 -12.79
N ILE B 296 -2.98 -3.50 -12.89
CA ILE B 296 -2.72 -4.92 -13.11
C ILE B 296 -2.31 -5.58 -11.80
N ALA B 297 -2.90 -6.74 -11.50
CA ALA B 297 -2.41 -7.53 -10.35
C ALA B 297 -0.97 -8.00 -10.63
N LEU B 298 -0.05 -7.64 -9.76
CA LEU B 298 1.36 -8.01 -9.97
C LEU B 298 1.65 -9.40 -9.42
N GLU B 299 0.75 -9.85 -8.55
CA GLU B 299 0.77 -11.19 -7.99
C GLU B 299 -0.67 -11.59 -7.68
N ASP B 300 -0.93 -12.87 -7.46
CA ASP B 300 -2.28 -13.31 -7.08
C ASP B 300 -2.79 -12.60 -5.83
N VAL B 301 -4.02 -12.08 -5.89
CA VAL B 301 -4.66 -11.41 -4.76
C VAL B 301 -6.09 -11.86 -4.59
N GLU B 302 -6.46 -12.29 -3.38
CA GLU B 302 -7.81 -12.73 -3.12
C GLU B 302 -8.66 -11.55 -2.65
N ILE B 303 -9.78 -11.33 -3.33
CA ILE B 303 -10.71 -10.28 -2.96
C ILE B 303 -12.11 -10.88 -2.80
N LYS B 304 -12.66 -10.78 -1.59
CA LYS B 304 -13.96 -11.33 -1.25
C LYS B 304 -14.13 -12.75 -1.78
N GLY B 305 -13.13 -13.59 -1.52
CA GLY B 305 -13.17 -15.00 -1.90
C GLY B 305 -12.94 -15.27 -3.37
N VAL B 306 -12.58 -14.25 -4.13
CA VAL B 306 -12.32 -14.36 -5.55
C VAL B 306 -10.82 -14.24 -5.80
N ARG B 307 -10.26 -15.18 -6.53
CA ARG B 307 -8.84 -15.12 -6.80
C ARG B 307 -8.56 -14.30 -8.06
N ILE B 308 -7.97 -13.14 -7.86
CA ILE B 308 -7.51 -12.32 -8.95
C ILE B 308 -6.08 -12.76 -9.28
N ARG B 309 -5.87 -13.19 -10.52
CA ARG B 309 -4.57 -13.75 -10.92
C ARG B 309 -3.60 -12.66 -11.36
N ALA B 310 -2.33 -12.86 -11.06
CA ALA B 310 -1.28 -12.00 -11.56
C ALA B 310 -1.44 -11.82 -13.06
N GLY B 311 -1.45 -10.57 -13.51
CA GLY B 311 -1.66 -10.28 -14.91
C GLY B 311 -3.06 -9.81 -15.25
N ASP B 312 -4.06 -10.16 -14.43
CA ASP B 312 -5.42 -9.72 -14.70
C ASP B 312 -5.52 -8.20 -14.46
N ALA B 313 -6.37 -7.55 -15.21
CA ALA B 313 -6.67 -6.14 -14.99
C ALA B 313 -7.82 -5.99 -14.00
N VAL B 314 -7.73 -4.96 -13.17
CA VAL B 314 -8.76 -4.68 -12.19
C VAL B 314 -9.10 -3.21 -12.23
N TYR B 315 -10.39 -2.93 -12.43
CA TYR B 315 -10.96 -1.58 -12.34
C TYR B 315 -11.61 -1.36 -10.98
N VAL B 316 -11.60 -0.11 -10.52
CA VAL B 316 -12.43 0.28 -9.39
C VAL B 316 -13.50 1.23 -9.89
N SER B 317 -14.66 1.22 -9.26
CA SER B 317 -15.62 2.29 -9.51
C SER B 317 -15.69 3.19 -8.28
N TYR B 318 -15.06 4.38 -8.38
CA TYR B 318 -15.19 5.35 -7.31
C TYR B 318 -16.63 5.78 -7.16
N LEU B 319 -17.33 5.91 -8.29
CA LEU B 319 -18.75 6.28 -8.25
C LEU B 319 -19.57 5.26 -7.43
N ALA B 320 -19.36 3.97 -7.69
CA ALA B 320 -20.08 2.95 -6.93
C ALA B 320 -19.66 2.94 -5.45
N ALA B 321 -18.36 3.11 -5.20
CA ALA B 321 -17.84 3.13 -3.83
C ALA B 321 -18.49 4.27 -3.04
N ASN B 322 -18.77 5.38 -3.73
CA ASN B 322 -19.41 6.52 -3.08
C ASN B 322 -20.90 6.33 -2.77
N ARG B 323 -21.48 5.22 -3.23
CA ARG B 323 -22.86 4.86 -2.88
C ARG B 323 -22.86 3.56 -2.07
N ASP B 324 -21.74 3.21 -1.47
CA ASP B 324 -21.66 1.99 -0.63
C ASP B 324 -22.58 2.18 0.57
N PRO B 325 -23.65 1.38 0.66
CA PRO B 325 -24.65 1.56 1.72
C PRO B 325 -24.09 1.36 3.13
N GLU B 326 -22.99 0.62 3.26
CA GLU B 326 -22.42 0.41 4.59
C GLU B 326 -21.71 1.67 5.05
N VAL B 327 -20.98 2.29 4.14
CA VAL B 327 -20.20 3.47 4.45
C VAL B 327 -21.06 4.73 4.40
N PHE B 328 -22.00 4.78 3.46
CA PHE B 328 -22.87 5.97 3.32
C PHE B 328 -24.31 5.54 3.38
N PRO B 329 -24.84 5.41 4.61
CA PRO B 329 -26.24 5.02 4.80
C PRO B 329 -27.15 5.90 3.98
N ASP B 330 -28.17 5.29 3.37
CA ASP B 330 -29.07 5.99 2.46
C ASP B 330 -28.23 6.72 1.38
N PRO B 331 -27.42 5.96 0.65
CA PRO B 331 -26.38 6.53 -0.23
C PRO B 331 -26.90 7.40 -1.36
N ASP B 332 -28.13 7.19 -1.82
CA ASP B 332 -28.61 7.96 -2.95
C ASP B 332 -29.21 9.30 -2.52
N ARG B 333 -29.28 9.49 -1.21
CA ARG B 333 -29.77 10.76 -0.67
C ARG B 333 -28.66 11.77 -0.56
N ILE B 334 -28.91 12.97 -1.07
CA ILE B 334 -28.01 14.08 -0.89
C ILE B 334 -28.30 14.72 0.46
N ASP B 335 -27.40 14.49 1.41
CA ASP B 335 -27.56 14.96 2.78
C ASP B 335 -26.39 15.86 3.15
N PHE B 336 -26.62 17.17 3.17
CA PHE B 336 -25.51 18.11 3.42
C PHE B 336 -24.93 17.97 4.83
N GLU B 337 -25.71 17.40 5.74
CA GLU B 337 -25.24 17.23 7.11
C GLU B 337 -24.45 15.97 7.31
N ARG B 338 -24.40 15.12 6.27
CA ARG B 338 -23.78 13.80 6.39
C ARG B 338 -22.48 13.78 7.18
N SER B 339 -22.72 13.31 8.42
CA SER B 339 -21.85 12.51 9.32
C SER B 339 -20.31 12.35 9.08
N PRO B 340 -19.83 11.12 9.01
CA PRO B 340 -18.56 11.32 8.36
C PRO B 340 -18.81 11.14 6.85
N ASN B 341 -17.93 11.70 6.03
CA ASN B 341 -18.09 11.59 4.57
C ASN B 341 -16.78 11.21 3.86
N PRO B 342 -16.34 9.96 4.05
CA PRO B 342 -15.07 9.48 3.49
C PRO B 342 -15.22 9.06 2.02
N HIS B 343 -15.72 10.00 1.21
CA HIS B 343 -15.94 9.72 -0.20
C HIS B 343 -14.60 9.61 -0.93
N VAL B 344 -14.62 8.93 -2.08
CA VAL B 344 -13.41 8.79 -2.89
C VAL B 344 -13.60 9.40 -4.28
N SER B 345 -14.32 10.52 -4.36
CA SER B 345 -14.49 11.19 -5.66
C SER B 345 -13.15 11.67 -6.22
N PHE B 346 -12.19 11.91 -5.34
CA PHE B 346 -10.85 12.31 -5.79
C PHE B 346 -9.91 11.12 -5.79
N GLY B 347 -10.47 9.93 -5.86
CA GLY B 347 -9.64 8.73 -5.90
C GLY B 347 -9.04 8.33 -4.57
N PHE B 348 -8.08 7.42 -4.62
CA PHE B 348 -7.48 6.88 -3.40
C PHE B 348 -6.11 6.28 -3.75
N GLY B 349 -5.26 6.15 -2.75
CA GLY B 349 -3.94 5.59 -2.98
C GLY B 349 -3.00 6.59 -3.64
N PRO B 350 -1.82 6.13 -4.08
CA PRO B 350 -0.81 7.02 -4.65
C PRO B 350 -1.33 7.92 -5.79
N HIS B 351 -2.24 7.41 -6.59
CA HIS B 351 -2.73 8.18 -7.73
C HIS B 351 -3.90 9.07 -7.41
N TYR B 352 -4.17 9.29 -6.11
CA TYR B 352 -5.26 10.19 -5.76
C TYR B 352 -5.08 11.55 -6.44
N CYS B 353 -6.19 12.19 -6.73
CA CYS B 353 -6.18 13.41 -7.50
C CYS B 353 -5.41 14.54 -6.80
N PRO B 354 -4.35 15.04 -7.45
CA PRO B 354 -3.59 16.19 -6.93
C PRO B 354 -4.49 17.41 -6.80
N GLY B 355 -5.48 17.50 -7.69
CA GLY B 355 -6.32 18.69 -7.74
C GLY B 355 -7.52 18.72 -6.79
N GLY B 356 -7.63 17.73 -5.90
CA GLY B 356 -8.78 17.66 -5.01
C GLY B 356 -9.01 18.86 -4.11
N MET B 357 -7.98 19.32 -3.41
CA MET B 357 -8.12 20.47 -2.54
C MET B 357 -8.40 21.72 -3.36
N LEU B 358 -7.74 21.81 -4.50
CA LEU B 358 -8.00 22.93 -5.42
C LEU B 358 -9.45 22.92 -5.92
N ALA B 359 -9.96 21.73 -6.28
CA ALA B 359 -11.34 21.58 -6.72
C ALA B 359 -12.32 21.98 -5.63
N ARG B 360 -12.00 21.65 -4.38
CA ARG B 360 -12.89 22.05 -3.28
C ARG B 360 -12.86 23.58 -3.15
N LEU B 361 -11.69 24.18 -3.25
CA LEU B 361 -11.55 25.63 -3.10
C LEU B 361 -12.36 26.32 -4.21
N GLU B 362 -12.17 25.87 -5.44
CA GLU B 362 -12.89 26.44 -6.58
C GLU B 362 -14.39 26.28 -6.43
N SER B 363 -14.82 25.10 -5.97
CA SER B 363 -16.24 24.85 -5.81
C SER B 363 -16.83 25.73 -4.71
N GLU B 364 -16.09 25.94 -3.63
CA GLU B 364 -16.56 26.78 -2.53
C GLU B 364 -16.73 28.22 -2.98
N LEU B 365 -15.74 28.75 -3.69
CA LEU B 365 -15.83 30.11 -4.20
C LEU B 365 -16.97 30.28 -5.22
N LEU B 366 -17.10 29.32 -6.13
CA LEU B 366 -18.20 29.34 -7.12
C LEU B 366 -19.57 29.32 -6.43
N VAL B 367 -19.77 28.41 -5.48
CA VAL B 367 -21.06 28.37 -4.79
C VAL B 367 -21.35 29.69 -4.08
N ASP B 368 -20.34 30.25 -3.38
CA ASP B 368 -20.53 31.58 -2.76
C ASP B 368 -21.01 32.62 -3.76
N ALA B 369 -20.22 32.87 -4.81
CA ALA B 369 -20.59 33.90 -5.79
C ALA B 369 -21.92 33.66 -6.52
N VAL B 370 -22.14 32.44 -6.98
CA VAL B 370 -23.31 32.17 -7.78
C VAL B 370 -24.57 32.21 -6.92
N LEU B 371 -24.51 31.68 -5.69
CA LEU B 371 -25.69 31.71 -4.82
C LEU B 371 -25.90 33.04 -4.12
N ASP B 372 -24.86 33.85 -3.98
CA ASP B 372 -25.02 35.07 -3.20
C ASP B 372 -25.14 36.32 -4.07
N ARG B 373 -24.73 36.22 -5.34
CA ARG B 373 -24.64 37.42 -6.19
C ARG B 373 -25.56 37.50 -7.41
N VAL B 374 -26.35 36.46 -7.68
CA VAL B 374 -27.21 36.43 -8.84
C VAL B 374 -28.68 36.41 -8.42
N PRO B 375 -29.33 37.60 -8.35
CA PRO B 375 -30.66 37.73 -7.75
C PRO B 375 -31.73 36.99 -8.53
N GLY B 376 -32.37 35.99 -7.92
CA GLY B 376 -33.47 35.27 -8.54
C GLY B 376 -33.02 34.19 -9.50
N LEU B 377 -31.73 33.85 -9.40
CA LEU B 377 -31.13 32.82 -10.21
C LEU B 377 -31.99 31.57 -10.36
N LYS B 378 -32.22 31.18 -11.61
CA LYS B 378 -32.91 29.92 -11.87
C LYS B 378 -32.50 29.41 -13.23
N LEU B 379 -32.81 28.14 -13.53
CA LEU B 379 -32.55 27.66 -14.87
C LEU B 379 -33.42 28.39 -15.89
N ALA B 380 -32.88 28.60 -17.10
CA ALA B 380 -33.64 29.27 -18.16
C ALA B 380 -34.32 28.24 -19.06
N VAL B 381 -34.11 26.96 -18.76
CA VAL B 381 -34.77 25.86 -19.46
C VAL B 381 -35.24 24.86 -18.40
N ALA B 382 -36.12 23.95 -18.78
CA ALA B 382 -36.49 22.83 -17.90
C ALA B 382 -35.23 21.98 -17.61
N PRO B 383 -35.12 21.38 -16.40
CA PRO B 383 -33.91 20.67 -16.03
C PRO B 383 -33.51 19.60 -17.04
N GLU B 384 -34.51 18.93 -17.60
CA GLU B 384 -34.24 17.85 -18.55
C GLU B 384 -33.80 18.38 -19.93
N ASP B 385 -33.91 19.70 -20.13
CA ASP B 385 -33.53 20.32 -21.39
C ASP B 385 -32.12 20.93 -21.35
N VAL B 386 -31.46 20.80 -20.19
CA VAL B 386 -30.04 21.17 -20.11
C VAL B 386 -29.25 20.11 -20.85
N PRO B 387 -28.48 20.53 -21.87
CA PRO B 387 -27.72 19.56 -22.65
C PRO B 387 -26.51 19.03 -21.87
N PHE B 388 -26.37 17.72 -21.78
CA PHE B 388 -25.19 17.13 -21.15
C PHE B 388 -24.28 16.50 -22.20
N LYS B 389 -23.00 16.40 -21.86
CA LYS B 389 -21.99 15.96 -22.80
C LYS B 389 -22.26 14.53 -23.25
N LYS B 390 -22.21 14.33 -24.56
CA LYS B 390 -22.41 13.02 -25.17
C LYS B 390 -21.09 12.42 -25.58
N GLY B 391 -21.00 11.09 -25.54
CA GLY B 391 -19.78 10.40 -25.89
C GLY B 391 -18.60 10.86 -25.05
N ALA B 392 -18.88 11.22 -23.81
CA ALA B 392 -17.87 11.81 -22.94
C ALA B 392 -17.19 10.78 -22.05
N LEU B 393 -16.03 11.15 -21.53
CA LEU B 393 -15.39 10.38 -20.46
C LEU B 393 -15.80 10.96 -19.12
N ILE B 394 -15.74 12.29 -19.01
CA ILE B 394 -16.17 13.00 -17.81
C ILE B 394 -17.53 13.61 -18.10
N ARG B 395 -18.50 13.38 -17.22
CA ARG B 395 -19.88 13.84 -17.47
C ARG B 395 -20.02 15.29 -17.07
N GLY B 396 -21.05 15.95 -17.59
CA GLY B 396 -21.37 17.30 -17.20
C GLY B 396 -22.15 18.04 -18.27
N PRO B 397 -22.62 19.23 -17.95
CA PRO B 397 -23.36 19.97 -18.98
C PRO B 397 -22.47 20.47 -20.14
N GLU B 398 -23.06 20.52 -21.34
CA GLU B 398 -22.42 21.22 -22.45
C GLU B 398 -22.61 22.72 -22.24
N ALA B 399 -23.74 23.05 -21.65
CA ALA B 399 -24.10 24.45 -21.34
C ALA B 399 -25.07 24.43 -20.18
N LEU B 400 -25.12 25.50 -19.42
CA LEU B 400 -26.02 25.57 -18.27
C LEU B 400 -26.76 26.91 -18.34
N PRO B 401 -27.86 26.95 -19.11
CA PRO B 401 -28.56 28.22 -19.30
C PRO B 401 -29.31 28.66 -18.06
N VAL B 402 -28.99 29.87 -17.60
CA VAL B 402 -29.63 30.40 -16.41
C VAL B 402 -30.18 31.79 -16.69
N THR B 403 -31.10 32.22 -15.84
CA THR B 403 -31.65 33.56 -15.93
C THR B 403 -31.82 34.11 -14.51
N TRP B 404 -32.09 35.41 -14.41
CA TRP B 404 -32.19 36.05 -13.09
C TRP B 404 -32.80 37.45 -13.26
N HIS B 405 -33.02 38.19 -12.17
CA HIS B 405 -33.57 39.53 -12.41
C HIS B 405 -32.46 40.53 -12.62
N HIS B 406 -32.55 41.26 -13.72
CA HIS B 406 -31.60 42.32 -14.00
C HIS B 406 -31.95 43.59 -13.21
CHA HEM C . 11.51 -11.12 7.58
CHB HEM C . 9.49 -13.46 11.26
CHC HEM C . 11.33 -17.62 9.67
CHD HEM C . 13.34 -15.26 5.96
C1A HEM C . 10.80 -11.37 8.73
C2A HEM C . 10.10 -10.38 9.55
C3A HEM C . 9.53 -11.04 10.56
C4A HEM C . 9.86 -12.45 10.43
CMA HEM C . 8.69 -10.46 11.71
CAA HEM C . 10.09 -8.86 9.26
CBA HEM C . 8.98 -8.30 8.40
CGA HEM C . 9.18 -6.80 8.17
O1A HEM C . 8.17 -6.06 8.38
O2A HEM C . 10.29 -6.40 7.81
C1B HEM C . 9.80 -14.78 11.16
C2B HEM C . 9.38 -15.81 12.12
C3B HEM C . 9.90 -16.99 11.68
C4B HEM C . 10.64 -16.70 10.45
CMB HEM C . 8.51 -15.52 13.37
CAB HEM C . 9.83 -18.41 12.28
CBB HEM C . 8.51 -18.83 12.98
C1C HEM C . 12.04 -17.33 8.51
C2C HEM C . 12.75 -18.34 7.71
C3C HEM C . 13.31 -17.69 6.67
C4C HEM C . 12.96 -16.29 6.80
CMC HEM C . 12.80 -19.86 8.07
CAC HEM C . 14.19 -18.25 5.53
CBC HEM C . 13.42 -19.08 4.49
C1D HEM C . 13.03 -13.94 6.06
C2D HEM C . 13.46 -12.89 5.15
C3D HEM C . 12.93 -11.71 5.59
C4D HEM C . 12.19 -12.04 6.80
CMD HEM C . 14.34 -13.12 3.90
CAD HEM C . 13.08 -10.33 4.96
CBD HEM C . 11.89 -10.11 3.96
CGD HEM C . 11.87 -8.77 3.24
O1D HEM C . 11.50 -8.73 2.06
O2D HEM C . 12.22 -7.77 3.92
NA HEM C . 10.63 -12.62 9.29
NB HEM C . 10.57 -15.36 10.16
NC HEM C . 12.18 -16.09 7.92
ND HEM C . 12.24 -13.40 7.08
FE HEM C . 11.39 -14.37 8.58
CHA HEM D . -6.62 11.91 -11.24
CHB HEM D . -11.08 13.17 -9.96
CHC HEM D . -9.99 17.81 -10.57
CHD HEM D . -5.51 16.56 -11.85
C1A HEM D . -7.93 11.82 -10.84
C2A HEM D . -8.68 10.59 -10.57
C3A HEM D . -9.92 10.95 -10.21
C4A HEM D . -9.99 12.40 -10.25
CMA HEM D . -11.09 10.04 -9.82
CAA HEM D . -8.11 9.16 -10.70
CBA HEM D . -7.46 8.52 -9.47
CGA HEM D . -6.93 7.12 -9.82
O1A HEM D . -6.13 7.08 -10.83
O2A HEM D . -7.28 6.15 -9.16
C1B HEM D . -11.18 14.52 -10.01
C2B HEM D . -12.39 15.27 -9.69
C3B HEM D . -12.08 16.58 -9.86
C4B HEM D . -10.70 16.66 -10.29
CMB HEM D . -13.73 14.64 -9.24
CAB HEM D . -12.97 17.80 -9.67
CBB HEM D . -14.04 17.94 -10.74
C1C HEM D . -8.67 17.87 -10.98
C2C HEM D . -7.95 19.12 -11.26
C3C HEM D . -6.69 18.78 -11.62
C4C HEM D . -6.61 17.33 -11.56
CMC HEM D . -8.59 20.53 -11.14
CAC HEM D . -5.50 19.68 -12.04
CBC HEM D . -4.94 20.57 -10.92
C1D HEM D . -5.41 15.20 -11.80
C2D HEM D . -4.23 14.44 -12.12
C3D HEM D . -4.52 13.13 -11.94
C4D HEM D . -5.91 13.07 -11.52
CMD HEM D . -2.89 15.06 -12.56
CAD HEM D . -3.58 11.94 -12.13
CBD HEM D . -2.95 11.58 -10.74
CGD HEM D . -1.99 10.40 -10.76
O1D HEM D . -0.96 10.45 -10.06
O2D HEM D . -2.33 9.45 -11.48
NA HEM D . -8.76 12.90 -10.65
NB HEM D . -10.16 15.39 -10.37
NC HEM D . -7.82 16.79 -11.16
ND HEM D . -6.45 14.35 -11.44
FE HEM D . -8.28 14.86 -10.90
N1 SPM E . -36.84 36.29 -14.71
C2 SPM E . -37.07 35.34 -15.78
C3 SPM E . -38.53 34.90 -15.79
C4 SPM E . -38.82 33.93 -16.92
N5 SPM E . -38.19 32.64 -16.74
C6 SPM E . -37.69 31.91 -17.89
C7 SPM E . -37.20 30.52 -17.52
C8 SPM E . -38.37 29.60 -17.20
C9 SPM E . -37.89 28.24 -16.69
N10 SPM E . -37.76 27.25 -17.72
C11 SPM E . -38.60 27.25 -18.90
C12 SPM E . -38.97 25.86 -19.40
C13 SPM E . -39.88 25.94 -20.63
N14 SPM E . -41.22 26.32 -20.26
#